data_1WVG
#
_entry.id   1WVG
#
_cell.length_a   93.9
_cell.length_b   93.9
_cell.length_c   152.80
_cell.angle_alpha   90.00
_cell.angle_beta   90.00
_cell.angle_gamma   120.00
#
_symmetry.space_group_name_H-M   'P 31 2 1'
#
loop_
_entity.id
_entity.type
_entity.pdbx_description
1 polymer 'CDP-glucose 4,6-dehydratase'
2 non-polymer ADENOSINE-5-DIPHOSPHORIBOSE
3 non-polymer "CYTIDINE-5'-DIPHOSPHO-BETA-D-XYLOSE"
4 water water
#
_entity_poly.entity_id   1
_entity_poly.type   'polypeptide(L)'
_entity_poly.pdbx_seq_one_letter_code
;SIDKNFWQGKRVFVTGHTGFKGSWLSLWLTEMGAIVKGYALDAPTVPSLFEIVRLNDLMESHIGDIRDFEKLRSSIAEFK
PEIVFHMAAQPLVRLSYEQPIKTYSTNVMGTVHLLETVKQVGNIKAVVNITSDKCYDNREWVWGYRENEPMGGYDPYSNS
KGCAELVASAFRNSFFNPANYEQHGVGLASVRAGNVIGGGDWAKDRLIPDILRSFENNQQVIIRNPYSIRPWQHVLEPLS
GYIVVAQRLYTEGAKFSEGWNFGPRDEDAKTVEFIVDKMVTLWGDDASWLLDGENHPHEAHYLKLDCSKANMQLGWHPRW
GLTETLSRIVKWHKAWIRGEDMLICSKREISDYMSATTR
;
_entity_poly.pdbx_strand_id   A,B
#
loop_
_chem_comp.id
_chem_comp.type
_chem_comp.name
_chem_comp.formula
APR non-polymer ADENOSINE-5-DIPHOSPHORIBOSE 'C15 H23 N5 O14 P2'
CXY non-polymer CYTIDINE-5'-DIPHOSPHO-BETA-D-XYLOSE 'C14 H23 N3 O15 P2'
#
# COMPACT_ATOMS: atom_id res chain seq x y z
N SER A 1 27.71 -2.04 17.44
CA SER A 1 27.65 -1.02 18.47
C SER A 1 27.43 0.40 17.95
N ILE A 2 26.90 1.24 18.84
CA ILE A 2 26.63 2.63 18.48
C ILE A 2 27.94 3.40 18.53
N ASP A 3 28.13 4.30 17.56
CA ASP A 3 29.33 5.11 17.43
C ASP A 3 29.08 6.60 17.57
N LYS A 4 29.25 7.07 18.84
CA LYS A 4 29.09 8.44 19.33
C LYS A 4 29.83 9.41 18.44
N ASN A 5 30.99 8.96 17.94
CA ASN A 5 31.84 9.77 17.07
C ASN A 5 31.30 9.89 15.67
N PHE A 6 30.60 8.84 15.26
CA PHE A 6 30.03 8.91 13.95
C PHE A 6 28.98 10.00 13.95
N TRP A 7 28.26 10.10 15.08
CA TRP A 7 27.16 11.03 15.27
C TRP A 7 27.45 12.52 15.34
N GLN A 8 28.56 12.81 15.97
CA GLN A 8 28.98 14.18 16.14
C GLN A 8 28.84 15.04 14.90
N GLY A 9 28.12 16.15 14.99
CA GLY A 9 28.00 17.06 13.84
C GLY A 9 27.06 16.62 12.72
N LYS A 10 26.65 15.34 12.71
CA LYS A 10 25.74 14.88 11.67
C LYS A 10 24.41 15.70 11.64
N ARG A 11 23.95 16.13 10.44
CA ARG A 11 22.66 16.84 10.26
C ARG A 11 21.61 15.73 10.09
N VAL A 12 20.78 15.52 11.11
CA VAL A 12 19.80 14.44 11.10
C VAL A 12 18.41 14.97 11.13
N PHE A 13 17.63 14.58 10.13
CA PHE A 13 16.26 14.99 10.04
C PHE A 13 15.37 13.82 10.50
N VAL A 14 14.51 14.09 11.47
CA VAL A 14 13.64 13.08 12.04
C VAL A 14 12.16 13.49 11.96
N THR A 15 11.37 12.70 11.24
CA THR A 15 9.97 13.01 11.17
C THR A 15 9.35 12.34 12.39
N GLY A 16 8.25 12.90 12.94
CA GLY A 16 7.63 12.30 14.13
C GLY A 16 8.53 12.32 15.38
N HIS A 17 9.29 13.41 15.54
CA HIS A 17 10.22 13.56 16.70
C HIS A 17 9.49 13.91 17.98
N THR A 18 8.25 14.36 17.83
CA THR A 18 7.46 14.75 19.00
C THR A 18 6.86 13.60 19.80
N GLY A 19 6.92 12.40 19.25
CA GLY A 19 6.37 11.24 19.88
C GLY A 19 7.30 10.59 20.89
N PHE A 20 6.80 9.42 21.32
CA PHE A 20 7.48 8.59 22.29
C PHE A 20 8.83 8.11 21.76
N LYS A 21 8.78 7.39 20.63
CA LYS A 21 10.01 6.89 20.02
C LYS A 21 10.91 8.05 19.61
N GLY A 22 10.26 9.05 18.98
CA GLY A 22 10.95 10.23 18.47
C GLY A 22 11.75 10.97 19.49
N SER A 23 11.09 11.18 20.63
CA SER A 23 11.69 11.91 21.73
C SER A 23 12.89 11.19 22.26
N TRP A 24 12.75 9.89 22.41
CA TRP A 24 13.87 9.13 22.94
C TRP A 24 15.01 9.13 21.91
N LEU A 25 14.60 9.01 20.67
CA LEU A 25 15.61 9.02 19.63
C LEU A 25 16.31 10.37 19.55
N SER A 26 15.49 11.41 19.47
CA SER A 26 16.10 12.75 19.37
C SER A 26 17.05 13.06 20.53
N LEU A 27 16.59 12.70 21.70
CA LEU A 27 17.39 12.88 22.87
C LEU A 27 18.72 12.13 22.73
N TRP A 28 18.62 10.85 22.40
CA TRP A 28 19.81 10.02 22.24
C TRP A 28 20.80 10.67 21.31
N LEU A 29 20.25 10.95 20.13
CA LEU A 29 20.96 11.56 19.01
C LEU A 29 21.64 12.90 19.37
N THR A 30 20.88 13.82 19.97
CA THR A 30 21.51 15.10 20.29
C THR A 30 22.58 14.90 21.31
N GLU A 31 22.29 13.99 22.22
CA GLU A 31 23.26 13.67 23.23
C GLU A 31 24.55 13.17 22.62
N MET A 32 24.48 12.62 21.40
CA MET A 32 25.68 12.10 20.76
C MET A 32 26.42 13.13 19.92
N GLY A 33 25.89 14.36 19.93
CA GLY A 33 26.55 15.41 19.21
C GLY A 33 25.90 15.72 17.88
N ALA A 34 24.88 14.93 17.53
CA ALA A 34 24.18 15.16 16.27
C ALA A 34 23.33 16.44 16.19
N ILE A 35 23.16 16.94 14.96
CA ILE A 35 22.31 18.09 14.72
C ILE A 35 20.97 17.64 14.15
N VAL A 36 19.97 17.58 15.02
CA VAL A 36 18.64 17.11 14.69
C VAL A 36 17.59 18.16 14.46
N LYS A 37 16.80 17.94 13.40
CA LYS A 37 15.69 18.79 12.99
C LYS A 37 14.48 17.85 12.95
N GLY A 38 13.45 18.13 13.71
CA GLY A 38 12.30 17.27 13.74
C GLY A 38 11.18 17.87 12.92
N TYR A 39 10.25 17.04 12.48
CA TYR A 39 9.11 17.51 11.72
C TYR A 39 8.00 16.57 12.06
N ALA A 40 7.00 17.12 12.75
CA ALA A 40 5.86 16.37 13.21
C ALA A 40 4.72 17.32 13.61
N LEU A 41 3.68 16.76 14.16
CA LEU A 41 2.59 17.58 14.61
C LEU A 41 2.87 17.89 16.07
N ASP A 42 2.00 18.62 16.74
CA ASP A 42 2.29 18.87 18.13
C ASP A 42 2.22 17.55 18.91
N ALA A 43 2.99 17.46 20.01
CA ALA A 43 3.01 16.24 20.82
C ALA A 43 1.68 15.54 20.84
N PRO A 44 1.83 14.26 20.57
CA PRO A 44 0.72 13.37 20.46
C PRO A 44 -0.11 13.34 21.71
N THR A 45 0.51 13.58 22.84
CA THR A 45 -0.23 13.51 24.08
C THR A 45 0.28 14.49 25.10
N VAL A 46 -0.45 14.48 26.23
CA VAL A 46 -0.20 15.23 27.45
C VAL A 46 -0.58 14.36 28.62
N PRO A 47 0.42 14.12 29.42
CA PRO A 47 1.76 14.66 29.20
C PRO A 47 2.49 14.04 27.98
N SER A 48 3.71 14.50 27.74
CA SER A 48 4.52 14.03 26.65
C SER A 48 5.96 14.17 27.05
N LEU A 49 6.74 13.18 26.68
CA LEU A 49 8.15 13.15 26.97
C LEU A 49 8.85 14.35 26.32
N PHE A 50 8.38 14.64 25.12
CA PHE A 50 8.97 15.75 24.41
C PHE A 50 8.94 16.98 25.30
N GLU A 51 7.73 17.27 25.73
CA GLU A 51 7.56 18.42 26.57
C GLU A 51 8.32 18.24 27.85
N ILE A 52 8.14 17.08 28.47
CA ILE A 52 8.78 16.79 29.75
C ILE A 52 10.28 16.99 29.73
N VAL A 53 10.96 16.64 28.64
CA VAL A 53 12.41 16.81 28.70
C VAL A 53 12.90 18.06 28.01
N ARG A 54 11.97 18.95 27.64
CA ARG A 54 12.25 20.22 26.97
C ARG A 54 13.11 20.04 25.73
N LEU A 55 12.81 19.01 24.92
CA LEU A 55 13.60 18.73 23.72
C LEU A 55 13.55 19.86 22.74
N ASN A 56 12.43 20.52 22.73
CA ASN A 56 12.25 21.62 21.83
C ASN A 56 13.36 22.62 22.00
N ASP A 57 13.94 22.65 23.16
CA ASP A 57 15.02 23.61 23.34
C ASP A 57 16.39 23.08 23.02
N LEU A 58 16.46 21.79 22.69
CA LEU A 58 17.72 21.17 22.40
C LEU A 58 17.82 20.77 20.95
N MET A 59 16.81 21.19 20.20
CA MET A 59 16.83 20.85 18.81
C MET A 59 15.96 21.78 18.03
N GLU A 60 16.09 21.68 16.72
CA GLU A 60 15.28 22.48 15.85
C GLU A 60 14.01 21.69 15.63
N SER A 61 12.98 22.05 16.36
CA SER A 61 11.70 21.37 16.23
C SER A 61 10.71 22.11 15.33
N HIS A 62 10.34 21.49 14.22
CA HIS A 62 9.40 22.10 13.30
C HIS A 62 8.06 21.38 13.30
N ILE A 63 6.99 22.19 13.50
CA ILE A 63 5.63 21.68 13.55
C ILE A 63 5.02 21.66 12.17
N GLY A 64 4.71 20.47 11.67
CA GLY A 64 4.14 20.38 10.34
C GLY A 64 3.55 19.01 10.02
N ASP A 65 2.79 18.98 8.92
CA ASP A 65 2.12 17.77 8.52
C ASP A 65 2.81 17.02 7.41
N ILE A 66 2.97 15.73 7.70
CA ILE A 66 3.63 14.89 6.72
C ILE A 66 2.89 14.80 5.38
N ARG A 67 1.61 15.09 5.44
CA ARG A 67 0.82 15.06 4.25
C ARG A 67 0.99 16.29 3.38
N ASP A 68 1.73 17.28 3.87
CA ASP A 68 1.92 18.47 3.07
C ASP A 68 3.28 18.31 2.42
N PHE A 69 3.25 17.76 1.21
CA PHE A 69 4.50 17.48 0.48
C PHE A 69 5.48 18.62 0.36
N GLU A 70 4.95 19.68 -0.21
CA GLU A 70 5.64 20.89 -0.48
C GLU A 70 6.30 21.43 0.79
N LYS A 71 5.51 21.51 1.86
CA LYS A 71 6.06 21.97 3.11
C LYS A 71 7.15 21.04 3.59
N LEU A 72 6.91 19.71 3.51
CA LEU A 72 7.89 18.72 3.96
C LEU A 72 9.18 18.83 3.20
N ARG A 73 9.04 18.83 1.88
CA ARG A 73 10.18 18.93 0.97
C ARG A 73 11.12 20.11 1.34
N SER A 74 10.48 21.27 1.52
CA SER A 74 11.14 22.52 1.87
C SER A 74 11.97 22.42 3.13
N SER A 75 11.28 21.90 4.15
CA SER A 75 11.89 21.69 5.45
C SER A 75 13.18 20.91 5.26
N ILE A 76 13.06 19.80 4.55
CA ILE A 76 14.21 18.98 4.30
C ILE A 76 15.29 19.76 3.52
N ALA A 77 14.84 20.36 2.42
CA ALA A 77 15.69 21.15 1.52
C ALA A 77 16.57 22.19 2.22
N GLU A 78 15.94 22.94 3.11
CA GLU A 78 16.63 23.99 3.81
C GLU A 78 17.65 23.55 4.82
N PHE A 79 17.53 22.29 5.28
CA PHE A 79 18.42 21.73 6.31
C PHE A 79 19.53 20.90 5.70
N LYS A 80 19.21 20.31 4.55
CA LYS A 80 20.16 19.46 3.88
C LYS A 80 20.74 18.45 4.84
N PRO A 81 19.92 17.56 5.38
CA PRO A 81 20.46 16.53 6.27
C PRO A 81 21.27 15.49 5.51
N GLU A 82 22.00 14.68 6.24
CA GLU A 82 22.74 13.62 5.59
C GLU A 82 22.07 12.28 5.96
N ILE A 83 21.27 12.34 7.03
CA ILE A 83 20.59 11.20 7.62
C ILE A 83 19.14 11.51 7.91
N VAL A 84 18.28 10.51 7.77
CA VAL A 84 16.86 10.68 7.95
C VAL A 84 16.22 9.53 8.60
N PHE A 85 15.40 9.82 9.59
CA PHE A 85 14.64 8.80 10.28
C PHE A 85 13.18 9.13 10.06
N HIS A 86 12.45 8.31 9.34
CA HIS A 86 11.06 8.59 9.11
C HIS A 86 10.17 7.85 10.11
N MET A 87 9.68 8.52 11.16
CA MET A 87 8.84 7.92 12.21
C MET A 87 7.46 8.55 12.41
N ALA A 88 7.09 9.54 11.62
CA ALA A 88 5.79 10.14 11.84
C ALA A 88 4.71 9.18 11.41
N ALA A 89 3.70 8.96 12.24
CA ALA A 89 2.61 8.07 11.89
C ALA A 89 1.49 8.16 12.94
N GLN A 90 0.31 7.68 12.51
CA GLN A 90 -0.88 7.48 13.29
C GLN A 90 -0.57 6.01 13.67
N PRO A 91 0.02 5.77 14.88
CA PRO A 91 0.45 4.42 15.19
C PRO A 91 -0.52 3.50 15.91
N LEU A 92 -1.77 3.93 16.16
CA LEU A 92 -2.70 3.08 16.90
C LEU A 92 -3.76 2.28 16.15
N VAL A 93 -3.91 1.04 16.64
CA VAL A 93 -4.85 0.06 16.10
C VAL A 93 -6.35 0.41 16.17
N ARG A 94 -6.87 0.50 17.41
CA ARG A 94 -8.28 0.78 17.64
C ARG A 94 -8.68 2.08 16.99
N LEU A 95 -7.80 3.08 17.10
CA LEU A 95 -8.02 4.36 16.45
C LEU A 95 -8.13 4.21 14.93
N SER A 96 -7.25 3.38 14.32
CA SER A 96 -7.26 3.17 12.88
C SER A 96 -8.59 2.69 12.43
N TYR A 97 -9.22 1.93 13.28
CA TYR A 97 -10.52 1.47 12.91
C TYR A 97 -11.49 2.65 12.82
N GLU A 98 -11.32 3.61 13.72
CA GLU A 98 -12.20 4.75 13.71
C GLU A 98 -11.86 5.75 12.64
N GLN A 99 -10.56 5.84 12.32
CA GLN A 99 -10.11 6.82 11.34
C GLN A 99 -9.25 6.22 10.22
N PRO A 100 -9.86 5.38 9.41
CA PRO A 100 -9.15 4.71 8.34
C PRO A 100 -8.44 5.64 7.38
N ILE A 101 -9.19 6.64 6.94
CA ILE A 101 -8.56 7.53 5.99
C ILE A 101 -7.34 8.29 6.52
N LYS A 102 -7.45 8.84 7.71
CA LYS A 102 -6.32 9.58 8.23
C LYS A 102 -5.14 8.64 8.45
N THR A 103 -5.45 7.38 8.76
CA THR A 103 -4.39 6.43 9.01
C THR A 103 -3.59 6.13 7.73
N TYR A 104 -4.31 5.85 6.68
CA TYR A 104 -3.66 5.57 5.42
C TYR A 104 -2.94 6.77 4.82
N SER A 105 -3.61 7.91 4.84
CA SER A 105 -2.97 9.12 4.28
C SER A 105 -1.69 9.42 5.05
N THR A 106 -1.80 9.37 6.38
CA THR A 106 -0.61 9.64 7.16
C THR A 106 0.52 8.65 6.89
N ASN A 107 0.20 7.37 7.11
CA ASN A 107 1.20 6.34 7.03
C ASN A 107 1.69 6.04 5.63
N VAL A 108 0.76 5.95 4.72
CA VAL A 108 1.15 5.65 3.36
C VAL A 108 1.72 6.86 2.57
N MET A 109 0.88 7.89 2.32
CA MET A 109 1.29 9.08 1.56
C MET A 109 2.37 9.84 2.28
N GLY A 110 2.34 9.77 3.62
CA GLY A 110 3.39 10.42 4.37
C GLY A 110 4.74 9.77 4.00
N THR A 111 4.77 8.43 3.83
CA THR A 111 6.01 7.73 3.47
C THR A 111 6.43 8.09 2.06
N VAL A 112 5.43 8.11 1.17
CA VAL A 112 5.68 8.48 -0.20
C VAL A 112 6.28 9.88 -0.27
N HIS A 113 5.67 10.78 0.50
CA HIS A 113 6.14 12.16 0.50
C HIS A 113 7.57 12.23 0.97
N LEU A 114 7.78 11.57 2.06
CA LEU A 114 9.12 11.60 2.62
C LEU A 114 10.12 11.07 1.62
N LEU A 115 9.81 9.92 0.98
CA LEU A 115 10.74 9.32 0.00
C LEU A 115 10.86 10.13 -1.27
N GLU A 116 9.74 10.71 -1.71
CA GLU A 116 9.85 11.55 -2.88
C GLU A 116 10.69 12.77 -2.53
N THR A 117 10.49 13.31 -1.31
CA THR A 117 11.26 14.48 -0.87
C THR A 117 12.76 14.19 -0.81
N VAL A 118 13.08 13.00 -0.32
CA VAL A 118 14.46 12.61 -0.25
C VAL A 118 15.05 12.53 -1.64
N LYS A 119 14.24 12.02 -2.57
CA LYS A 119 14.69 11.89 -3.95
C LYS A 119 15.01 13.26 -4.55
N GLN A 120 14.07 14.16 -4.46
CA GLN A 120 14.29 15.48 -5.01
C GLN A 120 15.41 16.26 -4.32
N VAL A 121 15.51 16.22 -3.00
CA VAL A 121 16.55 16.97 -2.31
C VAL A 121 18.00 16.50 -2.59
N GLY A 122 18.21 15.20 -2.53
CA GLY A 122 19.55 14.71 -2.78
C GLY A 122 20.55 14.91 -1.63
N ASN A 123 21.70 14.23 -1.75
CA ASN A 123 22.79 14.30 -0.80
C ASN A 123 22.47 13.69 0.52
N ILE A 124 21.45 12.89 0.53
CA ILE A 124 21.05 12.22 1.73
C ILE A 124 21.72 10.86 1.63
N LYS A 125 22.46 10.53 2.63
CA LYS A 125 23.13 9.26 2.54
C LYS A 125 22.38 8.05 3.09
N ALA A 126 21.68 8.22 4.21
CA ALA A 126 21.04 7.09 4.82
C ALA A 126 19.62 7.44 5.17
N VAL A 127 18.71 6.54 4.85
CA VAL A 127 17.32 6.72 5.15
C VAL A 127 16.85 5.47 5.90
N VAL A 128 16.34 5.71 7.10
CA VAL A 128 15.82 4.68 7.97
C VAL A 128 14.31 4.82 8.09
N ASN A 129 13.57 4.00 7.34
CA ASN A 129 12.12 4.02 7.34
C ASN A 129 11.51 3.11 8.43
N ILE A 130 10.95 3.71 9.46
CA ILE A 130 10.35 2.95 10.52
C ILE A 130 8.95 2.46 10.16
N THR A 131 8.78 1.15 10.09
CA THR A 131 7.46 0.64 9.76
C THR A 131 6.82 0.09 11.04
N SER A 132 6.62 -1.20 11.13
CA SER A 132 6.03 -1.78 12.33
C SER A 132 6.10 -3.30 12.30
N ASP A 133 6.01 -3.88 13.48
CA ASP A 133 5.95 -5.33 13.58
C ASP A 133 4.62 -5.83 12.98
N LYS A 134 3.64 -4.94 12.80
CA LYS A 134 2.35 -5.30 12.24
C LYS A 134 2.30 -5.32 10.73
N CYS A 135 3.41 -5.08 10.06
CA CYS A 135 3.40 -5.09 8.60
C CYS A 135 3.16 -6.47 7.96
N TYR A 136 3.56 -7.51 8.71
CA TYR A 136 3.44 -8.86 8.19
C TYR A 136 2.03 -9.41 8.20
N ASP A 137 1.71 -10.16 7.17
CA ASP A 137 0.42 -10.81 7.17
C ASP A 137 0.43 -11.69 8.42
N ASN A 138 -0.51 -11.55 9.35
CA ASN A 138 -0.52 -12.34 10.59
C ASN A 138 -1.19 -13.72 10.48
N ARG A 139 -0.40 -14.80 10.49
CA ARG A 139 -0.91 -16.15 10.36
C ARG A 139 -1.37 -16.72 11.69
N GLU A 140 -1.22 -15.92 12.72
CA GLU A 140 -1.64 -16.31 14.07
C GLU A 140 -1.03 -17.64 14.41
N TRP A 141 0.29 -17.71 14.38
CA TRP A 141 0.94 -18.96 14.66
C TRP A 141 2.05 -18.81 15.68
N VAL A 142 2.72 -19.89 16.12
CA VAL A 142 3.79 -19.84 17.14
C VAL A 142 5.11 -19.21 16.71
N TRP A 143 5.31 -19.00 15.42
CA TRP A 143 6.58 -18.52 14.94
C TRP A 143 6.74 -17.02 14.72
N GLY A 144 7.98 -16.54 14.99
CA GLY A 144 8.39 -15.18 14.79
C GLY A 144 8.53 -14.97 13.27
N TYR A 145 8.07 -13.84 12.77
CA TYR A 145 8.16 -13.55 11.33
C TYR A 145 9.57 -13.24 10.85
N ARG A 146 9.85 -13.63 9.60
CA ARG A 146 11.13 -13.41 8.97
C ARG A 146 10.93 -12.26 8.00
N GLU A 147 12.01 -11.53 7.69
CA GLU A 147 11.98 -10.36 6.79
C GLU A 147 11.46 -10.63 5.42
N ASN A 148 11.58 -11.89 5.03
CA ASN A 148 11.16 -12.33 3.71
C ASN A 148 9.70 -12.74 3.59
N GLU A 149 8.90 -12.63 4.67
CA GLU A 149 7.49 -13.01 4.63
C GLU A 149 6.57 -11.91 4.12
N PRO A 150 5.37 -12.29 3.70
CA PRO A 150 4.42 -11.39 3.13
C PRO A 150 3.86 -10.33 4.04
N MET A 151 3.67 -9.20 3.39
CA MET A 151 3.14 -8.00 4.01
C MET A 151 1.63 -8.11 3.99
N GLY A 152 0.98 -7.49 4.94
CA GLY A 152 -0.47 -7.52 5.01
C GLY A 152 -0.94 -6.57 6.10
N GLY A 153 -1.87 -7.06 6.90
CA GLY A 153 -2.38 -6.29 8.03
C GLY A 153 -3.90 -6.38 8.08
N TYR A 154 -4.46 -6.82 9.18
CA TYR A 154 -5.92 -6.95 9.29
C TYR A 154 -6.62 -5.60 9.40
N ASP A 155 -6.25 -4.82 10.41
CA ASP A 155 -6.81 -3.49 10.64
C ASP A 155 -6.12 -2.40 9.80
N PRO A 156 -6.70 -1.20 9.70
CA PRO A 156 -6.11 -0.13 8.89
C PRO A 156 -4.68 0.30 9.26
N TYR A 157 -4.39 0.25 10.54
CA TYR A 157 -3.03 0.59 10.99
C TYR A 157 -2.03 -0.48 10.49
N SER A 158 -2.26 -1.73 10.87
CA SER A 158 -1.38 -2.82 10.45
C SER A 158 -1.15 -2.79 8.96
N ASN A 159 -2.27 -2.79 8.25
CA ASN A 159 -2.29 -2.78 6.80
C ASN A 159 -1.60 -1.55 6.19
N SER A 160 -1.70 -0.38 6.85
CA SER A 160 -1.04 0.82 6.33
C SER A 160 0.50 0.67 6.35
N LYS A 161 1.00 -0.10 7.32
CA LYS A 161 2.45 -0.39 7.52
C LYS A 161 3.00 -1.38 6.48
N GLY A 162 2.08 -2.30 6.14
CA GLY A 162 2.26 -3.29 5.11
C GLY A 162 2.47 -2.50 3.84
N CYS A 163 1.56 -1.56 3.56
CA CYS A 163 1.68 -0.70 2.39
C CYS A 163 2.94 0.16 2.49
N ALA A 164 3.26 0.70 3.69
CA ALA A 164 4.48 1.53 3.85
C ALA A 164 5.71 0.70 3.47
N GLU A 165 5.69 -0.60 3.80
CA GLU A 165 6.79 -1.49 3.46
C GLU A 165 6.91 -1.62 1.95
N LEU A 166 5.77 -1.82 1.28
CA LEU A 166 5.76 -1.94 -0.18
C LEU A 166 6.28 -0.66 -0.83
N VAL A 167 5.82 0.46 -0.31
CA VAL A 167 6.22 1.74 -0.84
C VAL A 167 7.73 1.92 -0.84
N ALA A 168 8.36 1.67 0.32
CA ALA A 168 9.81 1.81 0.43
C ALA A 168 10.56 0.84 -0.50
N SER A 169 10.10 -0.38 -0.63
CA SER A 169 10.85 -1.22 -1.54
C SER A 169 10.75 -0.77 -3.01
N ALA A 170 9.63 -0.13 -3.38
CA ALA A 170 9.43 0.35 -4.75
C ALA A 170 10.30 1.60 -4.97
N PHE A 171 10.44 2.42 -3.94
CA PHE A 171 11.28 3.59 -4.10
C PHE A 171 12.71 3.10 -4.23
N ARG A 172 13.05 2.15 -3.36
CA ARG A 172 14.36 1.61 -3.40
C ARG A 172 14.67 1.08 -4.78
N ASN A 173 13.77 0.25 -5.30
CA ASN A 173 13.92 -0.39 -6.61
C ASN A 173 14.04 0.60 -7.76
N SER A 174 13.11 1.50 -7.81
CA SER A 174 13.04 2.48 -8.87
C SER A 174 13.94 3.69 -8.80
N PHE A 175 14.21 4.14 -7.56
CA PHE A 175 14.99 5.35 -7.42
C PHE A 175 16.29 5.29 -6.63
N PHE A 176 16.41 4.36 -5.69
CA PHE A 176 17.63 4.24 -4.89
C PHE A 176 18.19 2.85 -5.11
N ASN A 177 18.22 2.43 -6.38
CA ASN A 177 18.64 1.07 -6.65
C ASN A 177 20.08 0.75 -6.27
N PRO A 178 20.30 -0.28 -5.47
CA PRO A 178 21.67 -0.61 -5.12
C PRO A 178 22.61 -0.64 -6.32
N ALA A 179 22.09 -1.04 -7.49
CA ALA A 179 22.84 -1.12 -8.75
C ALA A 179 23.44 0.22 -9.12
N ASN A 180 22.58 1.22 -9.11
CA ASN A 180 22.98 2.55 -9.45
C ASN A 180 23.34 3.34 -8.20
N TYR A 181 23.78 2.64 -7.15
CA TYR A 181 24.14 3.31 -5.90
C TYR A 181 25.01 4.55 -6.05
N GLU A 182 26.04 4.36 -6.85
CA GLU A 182 27.04 5.38 -7.15
C GLU A 182 26.43 6.56 -7.87
N GLN A 183 25.26 6.30 -8.37
CA GLN A 183 24.57 7.31 -9.11
C GLN A 183 23.65 8.12 -8.18
N HIS A 184 23.16 7.49 -7.11
CA HIS A 184 22.29 8.21 -6.19
C HIS A 184 22.87 8.43 -4.79
N GLY A 185 23.72 7.50 -4.38
CA GLY A 185 24.37 7.58 -3.08
C GLY A 185 23.43 7.33 -1.91
N VAL A 186 22.21 6.82 -2.20
CA VAL A 186 21.23 6.56 -1.13
C VAL A 186 21.10 5.17 -0.49
N GLY A 187 21.19 5.07 0.83
CA GLY A 187 20.99 3.81 1.53
C GLY A 187 19.59 3.89 2.16
N LEU A 188 18.73 2.90 1.94
CA LEU A 188 17.41 2.99 2.54
C LEU A 188 17.04 1.69 3.17
N ALA A 189 16.77 1.72 4.46
CA ALA A 189 16.37 0.52 5.16
C ALA A 189 15.00 0.72 5.77
N SER A 190 14.20 -0.38 5.84
CA SER A 190 12.89 -0.48 6.49
C SER A 190 13.14 -1.29 7.72
N VAL A 191 12.80 -0.70 8.86
CA VAL A 191 13.05 -1.32 10.13
C VAL A 191 11.74 -1.63 10.81
N ARG A 192 11.65 -2.86 11.29
CA ARG A 192 10.45 -3.36 11.92
C ARG A 192 10.70 -3.69 13.34
N ALA A 193 10.20 -2.84 14.23
CA ALA A 193 10.44 -3.13 15.64
C ALA A 193 9.34 -3.92 16.28
N GLY A 194 9.56 -4.30 17.53
CA GLY A 194 8.58 -5.03 18.31
C GLY A 194 7.60 -4.03 18.97
N ASN A 195 7.13 -4.36 20.18
CA ASN A 195 6.24 -3.51 20.95
C ASN A 195 7.12 -2.81 21.96
N VAL A 196 7.39 -1.50 21.73
CA VAL A 196 8.25 -0.71 22.61
C VAL A 196 7.50 -0.26 23.84
N ILE A 197 8.13 -0.46 24.96
CA ILE A 197 7.62 -0.05 26.24
C ILE A 197 8.75 0.66 26.92
N GLY A 198 8.47 1.73 27.63
CA GLY A 198 9.56 2.44 28.33
C GLY A 198 8.98 3.59 29.15
N GLY A 199 9.80 4.24 29.97
CA GLY A 199 9.22 5.37 30.69
C GLY A 199 8.91 6.47 29.67
N GLY A 200 7.84 7.25 29.87
CA GLY A 200 7.56 8.35 28.94
C GLY A 200 6.54 8.15 27.82
N ASP A 201 5.71 7.08 27.86
CA ASP A 201 4.71 6.84 26.82
C ASP A 201 3.29 7.01 27.32
N TRP A 202 2.61 7.97 26.69
CA TRP A 202 1.24 8.25 27.09
C TRP A 202 0.22 7.82 26.09
N ALA A 203 0.67 7.21 24.96
CA ALA A 203 -0.23 6.74 23.91
C ALA A 203 -1.50 6.13 24.47
N LYS A 204 -2.63 6.32 23.75
CA LYS A 204 -3.91 5.77 24.19
C LYS A 204 -4.06 4.28 23.87
N ASP A 205 -4.68 3.55 24.81
CA ASP A 205 -4.94 2.13 24.72
C ASP A 205 -3.72 1.20 24.79
N ARG A 206 -2.53 1.76 24.90
CA ARG A 206 -1.36 0.90 24.97
C ARG A 206 -1.35 0.29 26.35
N LEU A 207 -0.83 -0.91 26.46
CA LEU A 207 -0.81 -1.67 27.69
C LEU A 207 -0.15 -1.07 28.91
N ILE A 208 1.13 -0.79 28.79
CA ILE A 208 1.90 -0.24 29.88
C ILE A 208 1.44 1.15 30.29
N PRO A 209 1.17 2.02 29.31
CA PRO A 209 0.69 3.32 29.70
C PRO A 209 -0.60 3.14 30.49
N ASP A 210 -1.47 2.27 29.94
CA ASP A 210 -2.76 1.95 30.55
C ASP A 210 -2.56 1.51 31.98
N ILE A 211 -1.57 0.65 32.13
CA ILE A 211 -1.28 0.10 33.42
C ILE A 211 -0.78 1.14 34.38
N LEU A 212 0.15 1.95 33.89
CA LEU A 212 0.75 3.00 34.70
C LEU A 212 -0.23 4.05 35.21
N ARG A 213 -1.20 4.38 34.37
CA ARG A 213 -2.20 5.37 34.67
C ARG A 213 -3.14 4.91 35.79
N SER A 214 -3.58 3.64 35.70
CA SER A 214 -4.44 3.02 36.72
C SER A 214 -3.72 2.91 38.04
N PHE A 215 -2.53 2.37 37.96
CA PHE A 215 -1.79 2.25 39.19
C PHE A 215 -1.66 3.56 39.92
N GLU A 216 -1.23 4.54 39.15
CA GLU A 216 -0.98 5.88 39.61
C GLU A 216 -2.14 6.40 40.44
N ASN A 217 -3.32 6.27 39.85
CA ASN A 217 -4.60 6.70 40.39
C ASN A 217 -5.29 5.60 41.14
N ASN A 218 -4.52 4.87 41.92
CA ASN A 218 -5.02 3.78 42.73
C ASN A 218 -6.28 3.11 42.22
N GLN A 219 -6.29 2.81 40.92
CA GLN A 219 -7.40 2.15 40.27
C GLN A 219 -6.89 0.85 39.69
N GLN A 220 -7.79 -0.07 39.35
CA GLN A 220 -7.29 -1.30 38.75
C GLN A 220 -7.24 -1.10 37.25
N VAL A 221 -6.26 -1.71 36.60
CA VAL A 221 -6.16 -1.53 35.18
C VAL A 221 -7.03 -2.60 34.57
N ILE A 222 -7.70 -2.18 33.52
CA ILE A 222 -8.56 -3.09 32.79
C ILE A 222 -7.93 -3.78 31.57
N ILE A 223 -7.70 -5.11 31.71
CA ILE A 223 -7.10 -6.02 30.73
C ILE A 223 -8.08 -6.68 29.76
N ARG A 224 -7.86 -6.39 28.46
CA ARG A 224 -8.74 -6.95 27.48
C ARG A 224 -8.34 -8.29 26.89
N ASN A 225 -7.02 -8.55 26.74
CA ASN A 225 -6.49 -9.81 26.13
C ASN A 225 -5.25 -10.39 26.80
N PRO A 226 -5.45 -11.00 27.96
CA PRO A 226 -4.45 -11.56 28.84
C PRO A 226 -3.50 -12.56 28.24
N TYR A 227 -4.00 -13.28 27.25
CA TYR A 227 -3.16 -14.27 26.63
C TYR A 227 -2.54 -13.82 25.31
N SER A 228 -2.63 -12.55 24.99
CA SER A 228 -2.01 -12.19 23.77
C SER A 228 -0.51 -12.11 24.04
N ILE A 229 0.23 -12.25 22.95
CA ILE A 229 1.66 -12.17 22.95
C ILE A 229 2.13 -11.08 21.99
N ARG A 230 3.18 -10.35 22.39
CA ARG A 230 3.79 -9.27 21.59
C ARG A 230 5.29 -9.36 21.81
N PRO A 231 6.06 -8.75 20.91
CA PRO A 231 7.50 -8.78 21.06
C PRO A 231 7.95 -7.65 21.96
N TRP A 232 7.57 -7.71 23.24
CA TRP A 232 7.92 -6.66 24.20
C TRP A 232 9.37 -6.24 24.33
N GLN A 233 9.64 -4.93 24.26
CA GLN A 233 11.00 -4.51 24.42
C GLN A 233 11.19 -3.07 24.81
N HIS A 234 12.18 -2.83 25.64
CA HIS A 234 12.51 -1.48 26.02
C HIS A 234 12.67 -0.64 24.76
N VAL A 235 12.07 0.53 24.81
CA VAL A 235 12.11 1.46 23.71
C VAL A 235 13.51 1.68 23.16
N LEU A 236 14.53 1.63 24.02
CA LEU A 236 15.91 1.87 23.57
C LEU A 236 16.49 0.78 22.68
N GLU A 237 15.91 -0.42 22.79
CA GLU A 237 16.37 -1.55 21.99
C GLU A 237 16.31 -1.39 20.47
N PRO A 238 15.13 -1.14 19.92
CA PRO A 238 15.02 -1.00 18.48
C PRO A 238 15.73 0.27 18.08
N LEU A 239 15.64 1.33 18.92
CA LEU A 239 16.34 2.57 18.62
C LEU A 239 17.81 2.30 18.29
N SER A 240 18.43 1.49 19.12
CA SER A 240 19.86 1.10 18.94
C SER A 240 20.02 0.44 17.59
N GLY A 241 19.03 -0.41 17.27
CA GLY A 241 19.06 -1.07 15.99
C GLY A 241 18.96 -0.02 14.89
N TYR A 242 18.00 0.93 15.04
CA TYR A 242 17.87 1.99 14.02
C TYR A 242 19.16 2.80 13.85
N ILE A 243 19.83 3.02 14.97
CA ILE A 243 21.02 3.84 14.94
C ILE A 243 22.14 3.13 14.24
N VAL A 244 22.25 1.86 14.59
CA VAL A 244 23.29 1.02 14.01
C VAL A 244 23.18 0.91 12.50
N VAL A 245 21.94 0.73 12.04
CA VAL A 245 21.78 0.61 10.61
C VAL A 245 22.09 1.90 9.95
N ALA A 246 21.70 3.01 10.57
CA ALA A 246 22.02 4.25 9.90
C ALA A 246 23.54 4.39 9.69
N GLN A 247 24.28 3.95 10.70
CA GLN A 247 25.72 4.01 10.64
C GLN A 247 26.23 3.25 9.39
N ARG A 248 25.79 1.99 9.30
CA ARG A 248 26.14 1.09 8.22
C ARG A 248 25.69 1.59 6.88
N LEU A 249 24.48 2.15 6.82
CA LEU A 249 23.98 2.67 5.55
C LEU A 249 24.82 3.84 5.09
N TYR A 250 25.35 4.55 6.08
CA TYR A 250 26.14 5.73 5.78
C TYR A 250 27.33 5.41 4.88
N THR A 251 28.01 4.35 5.27
CA THR A 251 29.14 3.95 4.49
C THR A 251 28.95 2.79 3.46
N GLU A 252 27.97 1.86 3.68
CA GLU A 252 27.64 0.72 2.80
C GLU A 252 26.16 0.63 2.48
N GLY A 253 25.73 1.71 1.86
CA GLY A 253 24.35 1.87 1.49
C GLY A 253 23.83 0.68 0.76
N ALA A 254 24.42 0.40 -0.38
CA ALA A 254 23.93 -0.72 -1.17
C ALA A 254 23.69 -1.97 -0.35
N LYS A 255 24.70 -2.36 0.43
CA LYS A 255 24.71 -3.54 1.28
C LYS A 255 23.62 -3.72 2.36
N PHE A 256 23.24 -2.64 3.06
CA PHE A 256 22.25 -2.80 4.12
C PHE A 256 20.91 -2.24 3.77
N SER A 257 20.75 -1.86 2.50
CA SER A 257 19.53 -1.26 1.95
C SER A 257 18.44 -2.32 1.75
N GLU A 258 17.84 -2.74 2.88
CA GLU A 258 16.80 -3.77 2.93
C GLU A 258 15.94 -3.70 4.21
N GLY A 259 15.20 -4.75 4.50
CA GLY A 259 14.37 -4.79 5.67
C GLY A 259 15.03 -5.51 6.81
N TRP A 260 14.78 -4.99 8.00
CA TRP A 260 15.35 -5.54 9.20
C TRP A 260 14.36 -5.57 10.35
N ASN A 261 14.28 -6.71 11.07
CA ASN A 261 13.46 -6.84 12.27
C ASN A 261 14.35 -6.54 13.48
N PHE A 262 13.79 -5.83 14.47
CA PHE A 262 14.51 -5.53 15.73
C PHE A 262 13.59 -5.93 16.86
N GLY A 263 13.81 -7.06 17.48
CA GLY A 263 12.91 -7.45 18.53
C GLY A 263 13.76 -8.04 19.63
N PRO A 264 13.04 -8.48 20.67
CA PRO A 264 13.61 -9.08 21.86
C PRO A 264 13.99 -10.53 21.62
N ARG A 265 14.64 -11.11 22.65
CA ARG A 265 14.98 -12.52 22.55
C ARG A 265 13.67 -13.26 22.71
N ASP A 266 13.60 -14.37 22.06
CA ASP A 266 12.40 -15.14 22.11
C ASP A 266 11.78 -15.34 23.49
N GLU A 267 12.61 -15.51 24.50
CA GLU A 267 12.06 -15.71 25.83
C GLU A 267 11.32 -14.50 26.35
N ASP A 268 11.54 -13.34 25.72
CA ASP A 268 10.89 -12.13 26.18
C ASP A 268 9.52 -11.88 25.59
N ALA A 269 9.12 -12.74 24.64
CA ALA A 269 7.81 -12.66 23.98
C ALA A 269 6.74 -13.35 24.83
N LYS A 270 6.37 -12.69 25.94
CA LYS A 270 5.39 -13.15 26.90
C LYS A 270 3.98 -12.61 26.68
N THR A 271 3.04 -13.12 27.47
CA THR A 271 1.65 -12.68 27.34
C THR A 271 1.42 -11.41 28.09
N VAL A 272 0.29 -10.81 27.73
CA VAL A 272 -0.20 -9.62 28.39
C VAL A 272 -0.29 -9.88 29.90
N GLU A 273 -0.92 -10.98 30.25
CA GLU A 273 -1.08 -11.35 31.65
C GLU A 273 0.22 -11.35 32.42
N PHE A 274 1.23 -11.95 31.81
CA PHE A 274 2.49 -12.00 32.49
C PHE A 274 2.96 -10.61 32.85
N ILE A 275 2.85 -9.75 31.89
CA ILE A 275 3.32 -8.39 32.12
C ILE A 275 2.55 -7.70 33.23
N VAL A 276 1.23 -7.73 33.11
CA VAL A 276 0.44 -7.08 34.11
C VAL A 276 0.72 -7.67 35.49
N ASP A 277 0.84 -9.00 35.58
CA ASP A 277 1.12 -9.62 36.87
C ASP A 277 2.43 -9.10 37.46
N LYS A 278 3.40 -9.01 36.57
CA LYS A 278 4.70 -8.56 37.02
C LYS A 278 4.70 -7.09 37.50
N MET A 279 4.02 -6.30 36.66
CA MET A 279 3.85 -4.89 36.89
C MET A 279 3.17 -4.67 38.26
N VAL A 280 2.09 -5.43 38.53
CA VAL A 280 1.37 -5.36 39.81
C VAL A 280 2.37 -5.50 40.94
N THR A 281 3.18 -6.52 40.78
CA THR A 281 4.20 -6.83 41.71
C THR A 281 5.24 -5.72 41.86
N LEU A 282 5.70 -5.19 40.72
CA LEU A 282 6.69 -4.16 40.68
C LEU A 282 6.20 -2.90 41.33
N TRP A 283 4.93 -2.56 41.07
CA TRP A 283 4.33 -1.35 41.63
C TRP A 283 4.09 -1.51 43.10
N GLY A 284 3.28 -2.49 43.43
CA GLY A 284 2.94 -2.76 44.82
C GLY A 284 1.73 -1.92 45.20
N ASP A 285 1.75 -1.40 46.43
CA ASP A 285 0.71 -0.54 46.99
C ASP A 285 -0.69 -0.65 46.41
N ASP A 286 -1.28 -1.82 46.65
CA ASP A 286 -2.65 -2.10 46.24
C ASP A 286 -2.84 -2.52 44.79
N ALA A 287 -1.86 -2.21 43.93
CA ALA A 287 -1.94 -2.52 42.50
C ALA A 287 -2.77 -3.78 42.18
N SER A 288 -3.67 -3.67 41.20
CA SER A 288 -4.50 -4.78 40.80
C SER A 288 -5.00 -4.64 39.37
N TRP A 289 -5.44 -5.72 38.81
CA TRP A 289 -5.92 -5.52 37.47
C TRP A 289 -7.26 -6.18 37.33
N LEU A 290 -7.87 -5.95 36.22
CA LEU A 290 -9.14 -6.55 36.15
C LEU A 290 -9.49 -6.90 34.73
N LEU A 291 -10.15 -8.03 34.58
CA LEU A 291 -10.56 -8.52 33.29
C LEU A 291 -11.80 -7.89 32.67
N ASP A 292 -11.68 -7.63 31.40
CA ASP A 292 -12.78 -7.10 30.69
C ASP A 292 -13.27 -8.13 29.67
N PRO A 297 -13.17 -5.24 19.06
CA PRO A 297 -12.54 -4.73 17.84
C PRO A 297 -11.27 -5.56 17.59
N HIS A 298 -11.22 -6.22 16.46
CA HIS A 298 -10.13 -7.11 16.13
C HIS A 298 -8.67 -6.66 16.28
N GLU A 299 -7.97 -7.43 17.12
CA GLU A 299 -6.56 -7.29 17.40
C GLU A 299 -5.92 -8.68 17.31
N ALA A 300 -4.67 -8.74 16.86
CA ALA A 300 -3.94 -10.01 16.74
C ALA A 300 -3.64 -10.61 18.07
N HIS A 301 -3.75 -11.94 18.14
CA HIS A 301 -3.41 -12.61 19.37
C HIS A 301 -1.88 -12.81 19.51
N TYR A 302 -1.29 -13.42 18.48
CA TYR A 302 0.13 -13.70 18.55
C TYR A 302 0.90 -12.91 17.57
N LEU A 303 1.99 -12.35 18.10
CA LEU A 303 2.93 -11.59 17.30
C LEU A 303 4.38 -11.73 17.81
N LYS A 304 5.26 -12.39 17.02
CA LYS A 304 6.68 -12.55 17.39
C LYS A 304 7.50 -12.19 16.17
N LEU A 305 8.74 -11.79 16.39
CA LEU A 305 9.67 -11.45 15.30
C LEU A 305 10.93 -12.32 15.36
N ASP A 306 11.33 -12.87 14.21
CA ASP A 306 12.57 -13.64 14.20
C ASP A 306 13.69 -12.62 13.87
N CYS A 307 14.66 -12.46 14.75
CA CYS A 307 15.73 -11.46 14.55
C CYS A 307 17.11 -12.01 14.21
N SER A 308 17.20 -13.22 13.67
CA SER A 308 18.49 -13.79 13.29
C SER A 308 19.22 -12.93 12.26
N LYS A 309 18.52 -12.28 11.33
CA LYS A 309 19.20 -11.47 10.32
C LYS A 309 20.00 -10.30 10.90
N ALA A 310 19.37 -9.56 11.80
CA ALA A 310 20.10 -8.46 12.45
C ALA A 310 21.18 -9.06 13.35
N ASN A 311 20.87 -10.17 14.04
CA ASN A 311 21.88 -10.72 14.91
C ASN A 311 23.13 -11.06 14.13
N MET A 312 22.94 -11.85 13.08
CA MET A 312 24.06 -12.28 12.24
C MET A 312 24.62 -11.20 11.37
N GLN A 313 23.74 -10.59 10.60
CA GLN A 313 24.15 -9.60 9.63
C GLN A 313 24.62 -8.20 10.10
N LEU A 314 23.99 -7.66 11.15
CA LEU A 314 24.36 -6.35 11.65
C LEU A 314 25.17 -6.54 12.91
N GLY A 315 25.08 -7.78 13.42
CA GLY A 315 25.68 -8.25 14.65
C GLY A 315 25.01 -7.51 15.81
N TRP A 316 23.70 -7.23 15.69
CA TRP A 316 22.99 -6.51 16.74
C TRP A 316 22.26 -7.42 17.69
N HIS A 317 22.36 -7.17 18.98
CA HIS A 317 21.69 -7.98 19.98
C HIS A 317 21.07 -7.06 21.03
N PRO A 318 19.99 -7.54 21.68
CA PRO A 318 19.32 -6.73 22.69
C PRO A 318 20.08 -6.75 24.00
N ARG A 319 19.94 -5.66 24.70
CA ARG A 319 20.64 -5.49 25.95
C ARG A 319 19.87 -5.86 27.19
N TRP A 320 18.62 -5.43 27.28
CA TRP A 320 17.89 -5.73 28.48
C TRP A 320 16.81 -6.76 28.36
N GLY A 321 16.58 -7.42 29.48
CA GLY A 321 15.52 -8.41 29.60
C GLY A 321 14.17 -7.74 30.00
N LEU A 322 13.11 -8.47 29.69
CA LEU A 322 11.75 -8.05 29.98
C LEU A 322 11.60 -7.62 31.44
N THR A 323 12.09 -8.46 32.30
CA THR A 323 11.93 -8.08 33.68
C THR A 323 12.68 -6.82 34.05
N GLU A 324 13.90 -6.74 33.56
CA GLU A 324 14.74 -5.58 33.86
C GLU A 324 14.04 -4.38 33.28
N THR A 325 13.62 -4.58 32.05
CA THR A 325 12.91 -3.56 31.37
C THR A 325 11.70 -3.10 32.23
N LEU A 326 10.79 -4.00 32.64
CA LEU A 326 9.65 -3.62 33.46
C LEU A 326 10.06 -2.88 34.72
N SER A 327 11.16 -3.34 35.28
CA SER A 327 11.61 -2.70 36.46
C SER A 327 11.98 -1.25 36.24
N ARG A 328 12.70 -1.01 35.16
CA ARG A 328 13.12 0.32 34.77
C ARG A 328 11.98 1.23 34.44
N ILE A 329 10.92 0.71 33.82
CA ILE A 329 9.75 1.55 33.50
C ILE A 329 9.11 2.10 34.76
N VAL A 330 9.07 1.22 35.76
CA VAL A 330 8.48 1.52 37.05
C VAL A 330 9.25 2.60 37.78
N LYS A 331 10.52 2.39 37.84
CA LYS A 331 11.37 3.34 38.45
C LYS A 331 11.18 4.66 37.79
N TRP A 332 11.20 4.66 36.47
CA TRP A 332 11.05 5.90 35.72
C TRP A 332 9.76 6.63 36.03
N HIS A 333 8.68 5.88 35.96
CA HIS A 333 7.39 6.47 36.20
C HIS A 333 7.28 7.14 37.57
N LYS A 334 7.74 6.43 38.59
CA LYS A 334 7.70 6.92 39.94
C LYS A 334 8.55 8.17 40.11
N ALA A 335 9.78 8.15 39.61
CA ALA A 335 10.64 9.33 39.73
C ALA A 335 9.94 10.58 39.22
N TRP A 336 9.29 10.38 38.08
CA TRP A 336 8.56 11.42 37.44
C TRP A 336 7.53 11.94 38.38
N ILE A 337 6.84 10.96 38.93
CA ILE A 337 5.77 11.16 39.87
C ILE A 337 6.16 12.04 41.08
N ARG A 338 7.32 11.72 41.65
CA ARG A 338 7.88 12.42 42.79
C ARG A 338 8.45 13.73 42.36
N GLY A 339 8.31 14.05 41.08
CA GLY A 339 8.85 15.32 40.60
C GLY A 339 10.36 15.40 40.39
N GLU A 340 10.96 14.25 40.14
CA GLU A 340 12.37 14.13 39.84
C GLU A 340 12.67 14.82 38.52
N ASP A 341 13.97 15.02 38.25
CA ASP A 341 14.40 15.61 36.97
C ASP A 341 14.50 14.52 35.88
N MET A 342 13.43 14.46 35.08
CA MET A 342 13.28 13.50 34.00
C MET A 342 14.31 13.57 32.90
N LEU A 343 14.69 14.76 32.51
CA LEU A 343 15.71 14.81 31.50
C LEU A 343 16.90 14.08 32.06
N ILE A 344 17.17 14.36 33.30
CA ILE A 344 18.29 13.72 33.89
C ILE A 344 18.10 12.21 34.04
N CYS A 345 16.91 11.77 34.42
CA CYS A 345 16.65 10.33 34.52
C CYS A 345 16.78 9.67 33.15
N SER A 346 16.13 10.30 32.15
CA SER A 346 16.11 9.84 30.79
C SER A 346 17.55 9.79 30.31
N LYS A 347 18.33 10.83 30.52
CA LYS A 347 19.74 10.75 30.10
C LYS A 347 20.43 9.58 30.76
N ARG A 348 20.06 9.32 32.00
CA ARG A 348 20.65 8.21 32.68
C ARG A 348 20.33 6.85 32.04
N GLU A 349 19.09 6.68 31.62
CA GLU A 349 18.75 5.39 31.01
C GLU A 349 19.54 5.09 29.77
N ILE A 350 19.68 6.11 28.89
CA ILE A 350 20.44 6.03 27.64
C ILE A 350 21.88 5.64 27.99
N SER A 351 22.44 6.29 29.00
CA SER A 351 23.79 5.97 29.40
C SER A 351 23.94 4.53 29.92
N ASP A 352 22.99 4.14 30.73
CA ASP A 352 23.01 2.80 31.28
C ASP A 352 22.93 1.81 30.16
N TYR A 353 22.10 2.13 29.18
CA TYR A 353 21.93 1.21 28.08
C TYR A 353 23.21 1.15 27.32
N MET A 354 23.79 2.31 27.11
CA MET A 354 25.04 2.32 26.38
C MET A 354 26.10 1.53 27.11
N SER A 355 25.90 1.38 28.41
CA SER A 355 26.85 0.63 29.20
C SER A 355 26.53 -0.87 29.16
N ALA A 356 25.21 -1.21 29.11
CA ALA A 356 24.68 -2.57 29.06
C ALA A 356 25.29 -3.38 27.92
N SER B 1 -24.08 -17.27 -17.83
CA SER B 1 -23.21 -16.65 -16.86
C SER B 1 -23.46 -15.14 -16.71
N ILE B 2 -23.64 -14.42 -17.80
CA ILE B 2 -23.96 -13.01 -17.68
C ILE B 2 -25.47 -12.84 -17.84
N ASP B 3 -26.17 -12.56 -16.74
CA ASP B 3 -27.60 -12.40 -16.79
C ASP B 3 -28.12 -10.99 -17.02
N LYS B 4 -28.70 -10.81 -18.21
CA LYS B 4 -29.26 -9.55 -18.66
C LYS B 4 -30.33 -9.02 -17.74
N ASN B 5 -31.26 -9.91 -17.46
CA ASN B 5 -32.35 -9.54 -16.61
C ASN B 5 -31.82 -9.11 -15.28
N PHE B 6 -30.71 -9.73 -14.93
CA PHE B 6 -30.12 -9.40 -13.67
C PHE B 6 -29.83 -7.93 -13.61
N TRP B 7 -29.11 -7.48 -14.64
CA TRP B 7 -28.65 -6.11 -14.79
C TRP B 7 -29.73 -5.09 -14.96
N GLN B 8 -30.74 -5.55 -15.69
CA GLN B 8 -31.88 -4.74 -15.95
C GLN B 8 -32.35 -3.97 -14.72
N GLY B 9 -32.22 -2.64 -14.78
CA GLY B 9 -32.65 -1.77 -13.70
C GLY B 9 -31.72 -1.55 -12.50
N LYS B 10 -30.51 -2.12 -12.49
CA LYS B 10 -29.63 -1.94 -11.35
C LYS B 10 -28.94 -0.58 -11.29
N ARG B 11 -28.96 0.03 -10.10
CA ARG B 11 -28.29 1.30 -9.85
C ARG B 11 -26.81 0.95 -9.65
N VAL B 12 -25.98 1.13 -10.70
CA VAL B 12 -24.56 0.82 -10.67
C VAL B 12 -23.62 2.01 -10.72
N PHE B 13 -22.75 2.14 -9.72
CA PHE B 13 -21.81 3.25 -9.70
C PHE B 13 -20.41 2.78 -10.09
N VAL B 14 -19.87 3.42 -11.09
CA VAL B 14 -18.59 3.06 -11.62
C VAL B 14 -17.61 4.20 -11.51
N THR B 15 -16.44 3.99 -10.86
CA THR B 15 -15.43 5.05 -10.78
C THR B 15 -14.53 4.79 -11.97
N GLY B 16 -13.98 5.84 -12.61
CA GLY B 16 -13.14 5.74 -13.81
C GLY B 16 -13.85 5.28 -15.12
N HIS B 17 -15.09 5.77 -15.35
CA HIS B 17 -15.94 5.45 -16.52
C HIS B 17 -15.55 6.10 -17.86
N THR B 18 -14.80 7.19 -17.79
CA THR B 18 -14.36 7.93 -18.97
C THR B 18 -13.17 7.28 -19.69
N GLY B 19 -12.46 6.37 -19.03
CA GLY B 19 -11.30 5.73 -19.63
C GLY B 19 -11.66 4.58 -20.56
N PHE B 20 -10.62 3.85 -21.00
CA PHE B 20 -10.85 2.74 -21.92
C PHE B 20 -11.86 1.69 -21.39
N LYS B 21 -11.42 0.94 -20.39
CA LYS B 21 -12.21 -0.10 -19.82
C LYS B 21 -13.48 0.37 -19.21
N GLY B 22 -13.43 1.53 -18.57
CA GLY B 22 -14.60 2.09 -17.92
C GLY B 22 -15.71 2.34 -18.91
N SER B 23 -15.31 2.77 -20.11
CA SER B 23 -16.26 3.06 -21.16
C SER B 23 -16.84 1.76 -21.73
N TRP B 24 -16.04 0.74 -21.96
CA TRP B 24 -16.55 -0.51 -22.46
C TRP B 24 -17.54 -1.13 -21.46
N LEU B 25 -17.20 -1.00 -20.18
CA LEU B 25 -18.01 -1.56 -19.14
C LEU B 25 -19.32 -0.84 -19.00
N SER B 26 -19.21 0.48 -18.95
CA SER B 26 -20.39 1.31 -18.81
C SER B 26 -21.35 1.04 -19.96
N LEU B 27 -20.78 0.87 -21.15
CA LEU B 27 -21.59 0.59 -22.31
C LEU B 27 -22.40 -0.69 -22.07
N TRP B 28 -21.66 -1.79 -22.03
CA TRP B 28 -22.22 -3.07 -21.77
C TRP B 28 -23.35 -3.05 -20.76
N LEU B 29 -23.01 -2.47 -19.64
CA LEU B 29 -23.97 -2.41 -18.57
C LEU B 29 -25.18 -1.61 -18.96
N THR B 30 -24.98 -0.61 -19.79
CA THR B 30 -26.16 0.12 -20.15
C THR B 30 -26.85 -0.70 -21.20
N GLU B 31 -26.05 -1.23 -22.13
CA GLU B 31 -26.62 -2.06 -23.15
C GLU B 31 -27.61 -3.00 -22.48
N MET B 32 -27.23 -3.49 -21.27
CA MET B 32 -28.04 -4.44 -20.46
C MET B 32 -29.18 -3.96 -19.58
N GLY B 33 -29.42 -2.67 -19.49
CA GLY B 33 -30.53 -2.23 -18.66
C GLY B 33 -30.19 -1.68 -17.29
N ALA B 34 -28.90 -1.57 -17.00
CA ALA B 34 -28.50 -1.05 -15.72
C ALA B 34 -28.49 0.47 -15.74
N ILE B 35 -28.82 1.06 -14.59
CA ILE B 35 -28.81 2.48 -14.43
C ILE B 35 -27.45 2.88 -13.87
N VAL B 36 -26.62 3.42 -14.77
CA VAL B 36 -25.28 3.79 -14.40
C VAL B 36 -24.94 5.24 -14.16
N LYS B 37 -24.05 5.39 -13.22
CA LYS B 37 -23.51 6.65 -12.87
C LYS B 37 -22.00 6.52 -12.89
N GLY B 38 -21.33 7.48 -13.51
CA GLY B 38 -19.89 7.44 -13.55
C GLY B 38 -19.29 8.56 -12.72
N TYR B 39 -18.09 8.34 -12.19
CA TYR B 39 -17.34 9.31 -11.40
C TYR B 39 -15.87 9.23 -11.81
N ALA B 40 -15.43 10.23 -12.56
CA ALA B 40 -14.07 10.26 -13.05
C ALA B 40 -13.64 11.65 -13.53
N LEU B 41 -12.40 11.74 -13.97
CA LEU B 41 -11.88 12.97 -14.51
C LEU B 41 -12.28 12.95 -15.96
N ASP B 42 -12.02 14.01 -16.71
CA ASP B 42 -12.41 14.01 -18.11
C ASP B 42 -11.68 12.93 -18.87
N ALA B 43 -12.24 12.49 -20.03
CA ALA B 43 -11.60 11.43 -20.82
C ALA B 43 -10.09 11.59 -20.86
N PRO B 44 -9.35 10.49 -20.57
CA PRO B 44 -7.93 10.59 -20.55
C PRO B 44 -7.32 10.80 -21.92
N THR B 45 -8.08 10.55 -23.01
CA THR B 45 -7.54 10.71 -24.37
C THR B 45 -8.44 11.40 -25.38
N VAL B 46 -7.76 11.54 -26.53
CA VAL B 46 -8.29 12.09 -27.76
C VAL B 46 -7.70 11.38 -29.00
N PRO B 47 -8.53 10.56 -29.71
CA PRO B 47 -9.93 10.33 -29.36
C PRO B 47 -10.11 9.55 -28.09
N SER B 48 -11.36 9.52 -27.68
CA SER B 48 -11.75 8.84 -26.52
C SER B 48 -13.02 8.07 -26.80
N LEU B 49 -12.94 6.77 -26.60
CA LEU B 49 -14.09 5.92 -26.82
C LEU B 49 -15.31 6.50 -26.09
N PHE B 50 -15.04 6.99 -24.90
CA PHE B 50 -16.11 7.56 -24.13
C PHE B 50 -16.88 8.56 -25.01
N GLU B 51 -16.14 9.47 -25.62
CA GLU B 51 -16.83 10.45 -26.42
C GLU B 51 -17.39 9.86 -27.70
N ILE B 52 -16.49 9.18 -28.37
CA ILE B 52 -16.85 8.54 -29.62
C ILE B 52 -18.18 7.82 -29.58
N VAL B 53 -18.52 7.21 -28.49
CA VAL B 53 -19.80 6.53 -28.47
C VAL B 53 -20.89 7.35 -27.78
N ARG B 54 -20.58 8.60 -27.42
CA ARG B 54 -21.52 9.53 -26.81
C ARG B 54 -22.20 8.99 -25.56
N LEU B 55 -21.39 8.42 -24.70
CA LEU B 55 -21.82 7.83 -23.44
C LEU B 55 -22.50 8.82 -22.52
N ASN B 56 -22.17 10.12 -22.52
CA ASN B 56 -22.89 10.95 -21.57
C ASN B 56 -24.40 10.94 -21.76
N ASP B 57 -24.83 10.42 -22.89
CA ASP B 57 -26.25 10.34 -23.13
C ASP B 57 -26.85 9.11 -22.46
N LEU B 58 -26.15 8.01 -22.66
CA LEU B 58 -26.54 6.73 -22.15
C LEU B 58 -26.39 6.56 -20.65
N MET B 59 -25.64 7.46 -20.03
CA MET B 59 -25.46 7.34 -18.60
C MET B 59 -25.21 8.64 -17.87
N GLU B 60 -25.45 8.59 -16.56
CA GLU B 60 -25.19 9.74 -15.70
C GLU B 60 -23.68 9.84 -15.53
N SER B 61 -23.14 11.03 -15.68
CA SER B 61 -21.71 11.18 -15.58
C SER B 61 -21.27 12.37 -14.71
N HIS B 62 -20.41 12.09 -13.74
CA HIS B 62 -19.88 13.07 -12.78
C HIS B 62 -18.41 13.24 -13.04
N ILE B 63 -17.97 14.46 -13.27
CA ILE B 63 -16.56 14.63 -13.42
C ILE B 63 -16.03 14.98 -12.07
N GLY B 64 -15.08 14.21 -11.58
CA GLY B 64 -14.58 14.54 -10.27
C GLY B 64 -13.34 13.74 -9.93
N ASP B 65 -12.59 14.25 -8.96
CA ASP B 65 -11.37 13.62 -8.49
C ASP B 65 -11.59 12.59 -7.36
N ILE B 66 -11.04 11.37 -7.55
CA ILE B 66 -11.16 10.27 -6.58
C ILE B 66 -10.59 10.64 -5.22
N ARG B 67 -9.65 11.55 -5.28
CA ARG B 67 -8.99 12.07 -4.09
C ARG B 67 -9.81 13.06 -3.27
N ASP B 68 -11.06 13.38 -3.68
CA ASP B 68 -11.91 14.25 -2.86
C ASP B 68 -12.92 13.38 -2.16
N PHE B 69 -12.53 12.93 -0.99
CA PHE B 69 -13.38 12.04 -0.28
C PHE B 69 -14.83 12.49 -0.18
N GLU B 70 -15.00 13.70 0.31
CA GLU B 70 -16.31 14.25 0.54
C GLU B 70 -17.17 14.29 -0.68
N LYS B 71 -16.61 14.87 -1.72
CA LYS B 71 -17.31 14.96 -2.99
C LYS B 71 -17.67 13.57 -3.49
N LEU B 72 -16.67 12.69 -3.37
CA LEU B 72 -16.82 11.31 -3.78
C LEU B 72 -17.93 10.68 -2.95
N ARG B 73 -17.87 10.87 -1.61
CA ARG B 73 -18.89 10.32 -0.74
C ARG B 73 -20.29 10.80 -1.16
N SER B 74 -20.35 12.12 -1.35
CA SER B 74 -21.57 12.80 -1.75
C SER B 74 -22.15 12.23 -3.02
N SER B 75 -21.30 12.15 -4.02
CA SER B 75 -21.74 11.62 -5.29
C SER B 75 -22.37 10.24 -5.22
N ILE B 76 -21.84 9.38 -4.39
CA ILE B 76 -22.35 8.02 -4.23
C ILE B 76 -23.65 7.95 -3.40
N ALA B 77 -23.65 8.75 -2.34
CA ALA B 77 -24.76 8.77 -1.42
C ALA B 77 -26.03 9.25 -2.07
N GLU B 78 -25.86 10.25 -2.94
CA GLU B 78 -26.95 10.82 -3.70
C GLU B 78 -27.55 9.74 -4.54
N PHE B 79 -26.64 8.92 -5.10
CA PHE B 79 -27.01 7.84 -6.02
C PHE B 79 -27.57 6.56 -5.40
N LYS B 80 -27.01 6.15 -4.27
CA LYS B 80 -27.48 4.91 -3.65
C LYS B 80 -27.34 3.70 -4.58
N PRO B 81 -26.18 3.49 -5.21
CA PRO B 81 -26.03 2.35 -6.08
C PRO B 81 -26.15 1.11 -5.24
N GLU B 82 -26.14 -0.03 -5.89
CA GLU B 82 -26.21 -1.27 -5.14
C GLU B 82 -25.02 -2.10 -5.50
N ILE B 83 -24.50 -1.68 -6.63
CA ILE B 83 -23.36 -2.23 -7.26
C ILE B 83 -22.40 -1.13 -7.63
N VAL B 84 -21.14 -1.38 -7.26
CA VAL B 84 -20.06 -0.45 -7.51
C VAL B 84 -18.86 -1.05 -8.18
N PHE B 85 -18.42 -0.43 -9.27
CA PHE B 85 -17.21 -0.91 -9.94
C PHE B 85 -16.14 0.17 -9.77
N HIS B 86 -15.05 -0.20 -9.09
CA HIS B 86 -14.01 0.78 -8.85
C HIS B 86 -12.88 0.67 -9.84
N MET B 87 -12.81 1.62 -10.79
CA MET B 87 -11.72 1.63 -11.77
C MET B 87 -10.90 2.89 -11.99
N ALA B 88 -11.13 3.98 -11.21
CA ALA B 88 -10.34 5.20 -11.38
C ALA B 88 -8.89 4.94 -10.97
N ALA B 89 -7.97 5.15 -11.91
CA ALA B 89 -6.60 4.85 -11.63
C ALA B 89 -5.67 5.57 -12.53
N GLN B 90 -4.45 5.79 -12.07
CA GLN B 90 -3.37 6.35 -12.86
C GLN B 90 -2.75 5.04 -13.34
N PRO B 91 -2.98 4.71 -14.59
CA PRO B 91 -2.54 3.42 -15.14
C PRO B 91 -1.17 3.23 -15.84
N LEU B 92 -0.41 4.30 -16.06
CA LEU B 92 0.88 4.18 -16.73
C LEU B 92 2.04 4.04 -15.81
N VAL B 93 2.83 3.05 -16.16
CA VAL B 93 4.04 2.74 -15.44
C VAL B 93 5.07 3.83 -15.62
N ARG B 94 5.20 4.21 -16.90
CA ARG B 94 6.12 5.21 -17.40
C ARG B 94 5.94 6.47 -16.58
N LEU B 95 4.68 6.88 -16.54
CA LEU B 95 4.34 8.03 -15.75
C LEU B 95 4.70 7.77 -14.28
N SER B 96 4.21 6.62 -13.74
CA SER B 96 4.47 6.21 -12.36
C SER B 96 5.85 6.59 -11.88
N TYR B 97 6.82 6.59 -12.80
CA TYR B 97 8.19 6.96 -12.42
C TYR B 97 8.39 8.45 -12.23
N GLU B 98 7.70 9.24 -13.04
CA GLU B 98 7.88 10.66 -12.95
C GLU B 98 6.98 11.27 -11.93
N GLN B 99 5.80 10.66 -11.81
CA GLN B 99 4.75 11.07 -10.92
C GLN B 99 4.39 10.07 -9.82
N PRO B 100 5.34 9.60 -9.04
CA PRO B 100 5.01 8.63 -8.00
C PRO B 100 3.93 9.09 -7.05
N ILE B 101 4.01 10.33 -6.57
CA ILE B 101 3.01 10.81 -5.64
C ILE B 101 1.60 10.74 -6.20
N LYS B 102 1.53 11.16 -7.46
CA LYS B 102 0.29 11.18 -8.16
C LYS B 102 -0.29 9.78 -8.25
N THR B 103 0.58 8.86 -8.64
CA THR B 103 0.19 7.47 -8.81
C THR B 103 -0.39 6.86 -7.50
N TYR B 104 0.36 7.07 -6.43
CA TYR B 104 -0.04 6.54 -5.17
C TYR B 104 -1.30 7.16 -4.61
N SER B 105 -1.34 8.47 -4.65
CA SER B 105 -2.49 9.10 -4.07
C SER B 105 -3.72 8.70 -4.79
N THR B 106 -3.56 8.61 -6.10
CA THR B 106 -4.69 8.23 -6.94
C THR B 106 -5.08 6.78 -6.72
N ASN B 107 -4.10 5.90 -6.95
CA ASN B 107 -4.29 4.46 -6.82
C ASN B 107 -4.57 3.92 -5.39
N VAL B 108 -3.89 4.44 -4.38
CA VAL B 108 -4.13 3.93 -3.04
C VAL B 108 -5.18 4.76 -2.29
N MET B 109 -4.94 6.08 -2.21
CA MET B 109 -5.92 6.89 -1.51
C MET B 109 -7.28 6.85 -2.13
N GLY B 110 -7.32 6.79 -3.45
CA GLY B 110 -8.61 6.73 -4.12
C GLY B 110 -9.41 5.49 -3.73
N THR B 111 -8.66 4.37 -3.57
CA THR B 111 -9.27 3.09 -3.18
C THR B 111 -9.79 3.15 -1.75
N VAL B 112 -8.98 3.74 -0.92
CA VAL B 112 -9.37 3.89 0.47
C VAL B 112 -10.67 4.73 0.55
N HIS B 113 -10.66 5.83 -0.24
CA HIS B 113 -11.74 6.81 -0.35
C HIS B 113 -12.97 6.11 -0.74
N LEU B 114 -12.86 5.36 -1.81
CA LEU B 114 -13.99 4.60 -2.32
C LEU B 114 -14.58 3.57 -1.33
N LEU B 115 -13.73 2.74 -0.73
CA LEU B 115 -14.26 1.76 0.21
C LEU B 115 -14.80 2.43 1.46
N GLU B 116 -14.20 3.52 1.85
CA GLU B 116 -14.74 4.15 3.03
C GLU B 116 -16.12 4.74 2.75
N THR B 117 -16.29 5.24 1.53
CA THR B 117 -17.55 5.84 1.13
C THR B 117 -18.62 4.79 1.12
N VAL B 118 -18.27 3.69 0.47
CA VAL B 118 -19.20 2.60 0.40
C VAL B 118 -19.62 2.22 1.79
N LYS B 119 -18.64 2.30 2.68
CA LYS B 119 -18.86 1.97 4.07
C LYS B 119 -19.83 2.89 4.78
N GLN B 120 -19.53 4.20 4.74
CA GLN B 120 -20.37 5.20 5.39
C GLN B 120 -21.78 5.27 4.83
N VAL B 121 -21.85 5.27 3.51
CA VAL B 121 -23.12 5.35 2.81
C VAL B 121 -24.08 4.24 3.20
N GLY B 122 -23.66 3.02 2.89
CA GLY B 122 -24.45 1.82 3.16
C GLY B 122 -25.17 1.47 1.87
N ASN B 123 -25.94 0.38 1.91
CA ASN B 123 -26.76 -0.13 0.82
C ASN B 123 -26.14 -0.64 -0.47
N ILE B 124 -24.84 -1.04 -0.38
CA ILE B 124 -24.08 -1.62 -1.48
C ILE B 124 -23.86 -3.11 -1.23
N LYS B 125 -24.40 -3.92 -2.14
CA LYS B 125 -24.29 -5.35 -2.00
C LYS B 125 -23.06 -5.84 -2.66
N ALA B 126 -22.63 -5.11 -3.67
CA ALA B 126 -21.48 -5.56 -4.37
C ALA B 126 -20.52 -4.50 -4.86
N VAL B 127 -19.25 -4.64 -4.46
CA VAL B 127 -18.14 -3.75 -4.87
C VAL B 127 -17.10 -4.61 -5.57
N VAL B 128 -16.71 -4.20 -6.75
CA VAL B 128 -15.71 -4.89 -7.55
C VAL B 128 -14.55 -3.94 -7.74
N ASN B 129 -13.49 -4.25 -7.02
CA ASN B 129 -12.32 -3.41 -7.03
C ASN B 129 -11.29 -3.88 -8.06
N ILE B 130 -11.10 -3.05 -9.05
CA ILE B 130 -10.19 -3.34 -10.15
C ILE B 130 -8.76 -3.02 -9.81
N THR B 131 -7.92 -4.05 -9.81
CA THR B 131 -6.54 -3.75 -9.51
C THR B 131 -5.70 -3.92 -10.77
N SER B 132 -4.91 -5.02 -10.81
CA SER B 132 -4.04 -5.27 -11.94
C SER B 132 -3.28 -6.61 -11.80
N ASP B 133 -2.83 -7.21 -12.90
CA ASP B 133 -2.06 -8.46 -12.84
C ASP B 133 -0.69 -8.18 -12.16
N LYS B 134 -0.32 -6.88 -12.12
CA LYS B 134 0.94 -6.40 -11.54
C LYS B 134 0.95 -6.17 -10.03
N CYS B 135 -0.16 -6.47 -9.39
CA CYS B 135 -0.17 -6.27 -7.99
C CYS B 135 0.75 -7.26 -7.28
N TYR B 136 0.99 -8.42 -7.92
CA TYR B 136 1.81 -9.47 -7.30
C TYR B 136 3.28 -9.23 -7.12
N ASP B 137 3.82 -9.77 -6.02
CA ASP B 137 5.25 -9.69 -5.86
C ASP B 137 5.84 -10.45 -7.04
N ASN B 138 6.61 -9.75 -7.90
CA ASN B 138 7.16 -10.34 -9.12
C ASN B 138 8.39 -11.22 -8.94
N ARG B 139 8.14 -12.53 -8.96
CA ARG B 139 9.18 -13.53 -8.82
C ARG B 139 10.03 -13.79 -10.08
N GLU B 140 9.70 -13.11 -11.18
CA GLU B 140 10.45 -13.29 -12.43
C GLU B 140 10.65 -14.75 -12.77
N TRP B 141 9.52 -15.45 -12.78
CA TRP B 141 9.48 -16.88 -13.09
C TRP B 141 8.54 -17.21 -14.24
N VAL B 142 8.51 -18.47 -14.52
CA VAL B 142 7.70 -18.99 -15.59
C VAL B 142 6.22 -19.12 -15.21
N TRP B 143 5.91 -19.35 -13.92
CA TRP B 143 4.56 -19.56 -13.42
C TRP B 143 3.57 -18.38 -13.35
N GLY B 144 2.29 -18.72 -13.53
CA GLY B 144 1.17 -17.78 -13.44
C GLY B 144 0.83 -17.60 -11.98
N TYR B 145 0.62 -16.37 -11.49
CA TYR B 145 0.32 -16.16 -10.07
C TYR B 145 -1.03 -16.67 -9.61
N ARG B 146 -1.06 -17.15 -8.35
CA ARG B 146 -2.27 -17.67 -7.73
C ARG B 146 -2.78 -16.56 -6.85
N GLU B 147 -4.07 -16.56 -6.60
CA GLU B 147 -4.60 -15.47 -5.83
C GLU B 147 -4.09 -15.35 -4.41
N ASN B 148 -3.56 -16.46 -3.87
CA ASN B 148 -3.07 -16.47 -2.50
C ASN B 148 -1.59 -16.04 -2.36
N GLU B 149 -0.98 -15.56 -3.44
CA GLU B 149 0.40 -15.17 -3.35
C GLU B 149 0.59 -13.74 -2.86
N PRO B 150 1.81 -13.42 -2.40
CA PRO B 150 2.15 -12.09 -1.84
C PRO B 150 2.12 -10.91 -2.82
N MET B 151 1.69 -9.77 -2.30
CA MET B 151 1.61 -8.55 -3.14
C MET B 151 2.90 -7.78 -3.10
N GLY B 152 3.11 -6.92 -4.08
CA GLY B 152 4.31 -6.11 -4.18
C GLY B 152 4.24 -5.22 -5.40
N GLY B 153 5.26 -5.27 -6.16
CA GLY B 153 5.30 -4.45 -7.35
C GLY B 153 6.63 -3.73 -7.31
N TYR B 154 7.31 -3.74 -8.44
CA TYR B 154 8.63 -3.11 -8.54
C TYR B 154 8.66 -1.57 -8.78
N ASP B 155 7.88 -1.11 -9.75
CA ASP B 155 7.74 0.30 -10.11
C ASP B 155 6.55 0.94 -9.35
N PRO B 156 6.45 2.25 -9.32
CA PRO B 156 5.36 2.81 -8.57
C PRO B 156 3.97 2.39 -8.96
N TYR B 157 3.75 2.25 -10.25
CA TYR B 157 2.43 1.87 -10.68
C TYR B 157 2.03 0.47 -10.10
N SER B 158 2.89 -0.53 -10.36
CA SER B 158 2.70 -1.91 -9.93
C SER B 158 2.57 -1.97 -8.46
N ASN B 159 3.51 -1.26 -7.80
CA ASN B 159 3.51 -1.20 -6.34
C ASN B 159 2.22 -0.58 -5.80
N SER B 160 1.71 0.46 -6.49
CA SER B 160 0.48 1.13 -6.08
C SER B 160 -0.71 0.17 -6.05
N LYS B 161 -0.68 -0.75 -7.01
CA LYS B 161 -1.69 -1.80 -7.16
C LYS B 161 -1.54 -2.88 -6.07
N GLY B 162 -0.31 -3.14 -5.65
CA GLY B 162 -0.15 -4.12 -4.59
C GLY B 162 -0.72 -3.50 -3.32
N CYS B 163 -0.55 -2.18 -3.15
CA CYS B 163 -1.08 -1.50 -1.98
C CYS B 163 -2.62 -1.48 -1.98
N ALA B 164 -3.17 -1.23 -3.16
CA ALA B 164 -4.63 -1.18 -3.30
C ALA B 164 -5.22 -2.51 -2.91
N GLU B 165 -4.46 -3.54 -3.26
CA GLU B 165 -4.87 -4.87 -2.92
C GLU B 165 -4.81 -5.05 -1.40
N LEU B 166 -3.78 -4.48 -0.74
CA LEU B 166 -3.71 -4.60 0.72
C LEU B 166 -4.88 -3.83 1.32
N VAL B 167 -5.11 -2.65 0.75
CA VAL B 167 -6.25 -1.85 1.24
C VAL B 167 -7.58 -2.62 1.21
N ALA B 168 -7.93 -3.16 0.04
CA ALA B 168 -9.19 -3.88 -0.08
C ALA B 168 -9.31 -4.99 0.93
N SER B 169 -8.19 -5.65 1.22
CA SER B 169 -8.16 -6.76 2.18
C SER B 169 -8.47 -6.32 3.57
N ALA B 170 -7.81 -5.22 3.97
CA ALA B 170 -8.00 -4.68 5.29
C ALA B 170 -9.45 -4.16 5.48
N PHE B 171 -10.02 -3.57 4.41
CA PHE B 171 -11.38 -3.05 4.42
C PHE B 171 -12.33 -4.22 4.56
N ARG B 172 -12.00 -5.23 3.81
CA ARG B 172 -12.82 -6.39 3.90
C ARG B 172 -12.77 -6.99 5.31
N ASN B 173 -11.58 -7.14 5.86
CA ASN B 173 -11.45 -7.74 7.16
C ASN B 173 -11.99 -6.88 8.23
N SER B 174 -11.67 -5.60 8.13
CA SER B 174 -12.09 -4.70 9.19
C SER B 174 -13.54 -4.32 9.15
N PHE B 175 -14.02 -4.04 7.95
CA PHE B 175 -15.36 -3.56 7.84
C PHE B 175 -16.44 -4.39 7.17
N PHE B 176 -16.08 -5.29 6.26
CA PHE B 176 -17.06 -6.10 5.59
C PHE B 176 -16.75 -7.54 5.85
N ASN B 177 -16.37 -7.88 7.08
CA ASN B 177 -16.03 -9.26 7.34
C ASN B 177 -17.06 -10.19 6.78
N PRO B 178 -16.63 -11.16 5.95
CA PRO B 178 -17.55 -12.10 5.36
C PRO B 178 -18.22 -12.90 6.45
N ALA B 179 -17.34 -13.28 7.39
CA ALA B 179 -17.69 -14.04 8.56
C ALA B 179 -18.83 -13.41 9.36
N ASN B 180 -19.25 -12.20 8.94
CA ASN B 180 -20.37 -11.45 9.52
C ASN B 180 -20.90 -10.40 8.54
N GLN B 183 -24.57 -9.55 7.65
CA GLN B 183 -25.08 -8.43 8.43
C GLN B 183 -24.97 -7.13 7.63
N HIS B 184 -23.70 -6.72 7.42
CA HIS B 184 -23.32 -5.52 6.65
C HIS B 184 -23.77 -5.64 5.20
N GLY B 185 -23.96 -6.87 4.73
CA GLY B 185 -24.40 -7.17 3.37
C GLY B 185 -23.47 -6.69 2.24
N VAL B 186 -22.24 -6.29 2.56
CA VAL B 186 -21.32 -5.86 1.52
C VAL B 186 -20.42 -7.00 1.08
N GLY B 187 -20.40 -7.27 -0.22
CA GLY B 187 -19.55 -8.31 -0.80
C GLY B 187 -18.48 -7.55 -1.60
N LEU B 188 -17.19 -7.85 -1.36
CA LEU B 188 -16.07 -7.12 -1.99
C LEU B 188 -15.04 -8.02 -2.60
N ALA B 189 -14.88 -7.90 -3.89
CA ALA B 189 -13.93 -8.69 -4.61
C ALA B 189 -12.91 -7.78 -5.25
N SER B 190 -11.66 -8.23 -5.30
CA SER B 190 -10.58 -7.51 -5.97
C SER B 190 -10.31 -8.35 -7.19
N VAL B 191 -10.32 -7.72 -8.35
CA VAL B 191 -10.15 -8.42 -9.60
C VAL B 191 -8.85 -8.01 -10.28
N ARG B 192 -8.08 -9.01 -10.72
CA ARG B 192 -6.77 -8.83 -11.34
C ARG B 192 -6.72 -9.28 -12.76
N ALA B 193 -6.19 -8.41 -13.64
CA ALA B 193 -6.05 -8.69 -15.06
C ALA B 193 -5.15 -7.68 -15.75
N GLY B 194 -4.60 -8.01 -16.90
CA GLY B 194 -3.74 -7.08 -17.61
C GLY B 194 -3.72 -7.39 -19.10
N ASN B 195 -2.77 -6.79 -19.83
CA ASN B 195 -2.61 -6.99 -21.28
C ASN B 195 -3.90 -6.94 -22.07
N VAL B 196 -4.74 -6.02 -21.63
CA VAL B 196 -6.03 -5.77 -22.21
C VAL B 196 -5.95 -4.97 -23.48
N ILE B 197 -6.46 -5.56 -24.58
CA ILE B 197 -6.49 -4.93 -25.89
C ILE B 197 -7.91 -4.92 -26.53
N GLY B 198 -8.13 -3.94 -27.40
CA GLY B 198 -9.37 -3.71 -28.13
C GLY B 198 -9.51 -2.31 -28.80
N GLY B 199 -10.58 -2.13 -29.58
CA GLY B 199 -10.84 -0.86 -30.21
C GLY B 199 -11.28 0.15 -29.17
N GLY B 200 -10.89 1.41 -29.39
CA GLY B 200 -11.24 2.50 -28.49
C GLY B 200 -10.08 2.90 -27.58
N ASP B 201 -8.95 2.19 -27.76
CA ASP B 201 -7.76 2.42 -26.97
C ASP B 201 -6.84 3.44 -27.59
N TRP B 202 -6.92 4.70 -27.11
CA TRP B 202 -6.10 5.75 -27.67
C TRP B 202 -4.85 6.10 -26.91
N ALA B 203 -4.51 5.17 -26.04
CA ALA B 203 -3.34 5.30 -25.22
C ALA B 203 -2.10 5.34 -26.06
N LYS B 204 -1.25 6.27 -25.64
CA LYS B 204 0.01 6.51 -26.29
C LYS B 204 1.05 5.51 -25.79
N ASP B 205 1.94 5.14 -26.72
CA ASP B 205 2.98 4.20 -26.43
C ASP B 205 2.44 2.87 -25.92
N ARG B 206 1.42 2.34 -26.61
CA ARG B 206 0.78 1.05 -26.34
C ARG B 206 0.91 0.26 -27.66
N LEU B 207 1.47 -0.93 -27.57
CA LEU B 207 1.68 -1.74 -28.75
C LEU B 207 0.56 -1.80 -29.80
N ILE B 208 -0.66 -2.12 -29.40
CA ILE B 208 -1.74 -2.20 -30.37
C ILE B 208 -2.05 -0.82 -30.98
N PRO B 209 -2.40 0.12 -30.10
CA PRO B 209 -2.68 1.46 -30.52
C PRO B 209 -1.65 1.92 -31.51
N ASP B 210 -0.40 1.77 -31.10
CA ASP B 210 0.70 2.18 -31.94
C ASP B 210 0.58 1.63 -33.33
N ILE B 211 0.67 0.33 -33.34
CA ILE B 211 0.60 -0.40 -34.56
C ILE B 211 -0.48 0.16 -35.48
N LEU B 212 -1.67 0.30 -34.91
CA LEU B 212 -2.83 0.83 -35.61
C LEU B 212 -2.61 2.26 -36.12
N ARG B 213 -2.02 3.11 -35.27
CA ARG B 213 -1.76 4.47 -35.70
C ARG B 213 -0.83 4.38 -36.89
N SER B 214 0.22 3.63 -36.65
CA SER B 214 1.21 3.45 -37.68
C SER B 214 0.54 3.15 -39.02
N PHE B 215 -0.09 1.97 -39.10
CA PHE B 215 -0.76 1.49 -40.31
C PHE B 215 -1.65 2.54 -40.92
N GLU B 216 -2.46 3.13 -40.05
CA GLU B 216 -3.42 4.17 -40.39
C GLU B 216 -2.76 5.34 -41.12
N ASN B 217 -1.56 5.67 -40.67
CA ASN B 217 -0.83 6.76 -41.27
C ASN B 217 0.18 6.32 -42.28
N ASN B 218 -0.01 5.07 -42.71
CA ASN B 218 0.81 4.43 -43.74
C ASN B 218 2.29 4.32 -43.42
N GLN B 219 2.64 4.71 -42.20
CA GLN B 219 4.02 4.63 -41.81
C GLN B 219 4.33 3.21 -41.40
N GLN B 220 5.59 2.82 -41.56
CA GLN B 220 5.94 1.48 -41.18
C GLN B 220 6.35 1.40 -39.69
N VAL B 221 6.05 0.26 -39.04
CA VAL B 221 6.33 0.07 -37.59
C VAL B 221 7.68 -0.53 -37.20
N ILE B 222 8.26 0.12 -36.20
CA ILE B 222 9.53 -0.29 -35.62
C ILE B 222 9.23 -1.09 -34.38
N ILE B 223 9.61 -2.36 -34.49
CA ILE B 223 9.46 -3.38 -33.46
C ILE B 223 10.76 -3.49 -32.64
N ARG B 224 10.64 -3.12 -31.36
CA ARG B 224 11.75 -3.13 -30.39
C ARG B 224 12.09 -4.50 -29.84
N ASN B 225 11.08 -5.34 -29.74
CA ASN B 225 11.35 -6.65 -29.25
C ASN B 225 10.30 -7.68 -29.57
N PRO B 226 10.57 -8.22 -30.72
CA PRO B 226 9.84 -9.24 -31.45
C PRO B 226 9.47 -10.52 -30.68
N TYR B 227 10.43 -11.00 -29.85
CA TYR B 227 10.34 -12.23 -29.05
C TYR B 227 9.62 -12.15 -27.72
N SER B 228 9.28 -10.93 -27.34
CA SER B 228 8.56 -10.66 -26.12
C SER B 228 7.17 -11.32 -26.18
N ILE B 229 6.76 -11.97 -25.06
CA ILE B 229 5.45 -12.62 -24.99
C ILE B 229 4.59 -12.04 -23.88
N ARG B 230 3.30 -11.76 -24.20
CA ARG B 230 2.34 -11.24 -23.24
C ARG B 230 1.04 -12.00 -23.37
N PRO B 231 0.32 -12.07 -22.25
CA PRO B 231 -1.00 -12.67 -22.12
C PRO B 231 -2.07 -11.65 -22.59
N TRP B 232 -1.99 -11.37 -23.90
CA TRP B 232 -2.86 -10.45 -24.59
C TRP B 232 -4.29 -10.98 -24.52
N GLN B 233 -5.23 -10.10 -24.21
CA GLN B 233 -6.61 -10.48 -24.13
C GLN B 233 -7.59 -9.34 -24.50
N HIS B 234 -8.63 -9.68 -25.24
CA HIS B 234 -9.66 -8.74 -25.62
C HIS B 234 -10.26 -8.05 -24.42
N VAL B 235 -10.50 -6.76 -24.54
CA VAL B 235 -11.06 -6.01 -23.44
C VAL B 235 -12.25 -6.64 -22.75
N LEU B 236 -13.14 -7.19 -23.53
CA LEU B 236 -14.34 -7.78 -22.99
C LEU B 236 -14.09 -9.01 -22.11
N GLU B 237 -12.98 -9.70 -22.32
CA GLU B 237 -12.71 -10.90 -21.51
C GLU B 237 -12.74 -10.64 -19.99
N PRO B 238 -11.86 -9.76 -19.52
CA PRO B 238 -11.83 -9.51 -18.09
C PRO B 238 -13.09 -8.88 -17.64
N LEU B 239 -13.61 -8.00 -18.50
CA LEU B 239 -14.84 -7.30 -18.18
C LEU B 239 -15.94 -8.29 -17.86
N SER B 240 -16.04 -9.39 -18.63
CA SER B 240 -17.05 -10.39 -18.31
C SER B 240 -16.84 -11.00 -16.93
N GLY B 241 -15.56 -11.16 -16.57
CA GLY B 241 -15.26 -11.70 -15.25
C GLY B 241 -15.79 -10.77 -14.18
N TYR B 242 -15.55 -9.49 -14.40
CA TYR B 242 -15.97 -8.51 -13.45
C TYR B 242 -17.48 -8.55 -13.21
N ILE B 243 -18.21 -8.67 -14.30
CA ILE B 243 -19.66 -8.69 -14.30
C ILE B 243 -20.20 -9.88 -13.54
N VAL B 244 -19.75 -11.01 -13.99
CA VAL B 244 -20.15 -12.22 -13.33
C VAL B 244 -19.85 -12.19 -11.83
N VAL B 245 -18.66 -11.71 -11.52
CA VAL B 245 -18.22 -11.62 -10.15
C VAL B 245 -19.21 -10.78 -9.35
N ALA B 246 -19.61 -9.68 -9.99
CA ALA B 246 -20.59 -8.73 -9.46
C ALA B 246 -21.95 -9.42 -9.21
N GLN B 247 -22.32 -10.25 -10.15
CA GLN B 247 -23.57 -10.95 -9.99
C GLN B 247 -23.52 -11.84 -8.77
N ARG B 248 -22.43 -12.62 -8.65
CA ARG B 248 -22.18 -13.56 -7.57
C ARG B 248 -22.14 -12.91 -6.20
N LEU B 249 -21.42 -11.78 -6.16
CA LEU B 249 -21.30 -11.00 -4.93
C LEU B 249 -22.68 -10.57 -4.46
N TYR B 250 -23.46 -10.15 -5.45
CA TYR B 250 -24.82 -9.69 -5.29
C TYR B 250 -25.77 -10.72 -4.65
N THR B 251 -25.95 -11.84 -5.35
CA THR B 251 -26.83 -12.89 -4.88
C THR B 251 -26.26 -13.73 -3.77
N GLU B 252 -25.01 -14.15 -3.95
CA GLU B 252 -24.37 -15.02 -2.98
C GLU B 252 -23.53 -14.40 -1.88
N GLY B 253 -23.13 -13.14 -2.08
CA GLY B 253 -22.35 -12.39 -1.11
C GLY B 253 -20.93 -12.92 -0.83
N ALA B 254 -20.69 -12.93 0.48
CA ALA B 254 -19.50 -13.33 1.19
C ALA B 254 -18.73 -14.44 0.54
N LYS B 255 -19.43 -15.48 0.18
CA LYS B 255 -18.70 -16.56 -0.44
C LYS B 255 -17.79 -16.07 -1.55
N PHE B 256 -18.11 -14.97 -2.22
CA PHE B 256 -17.18 -14.57 -3.30
C PHE B 256 -16.38 -13.32 -3.05
N SER B 257 -16.43 -12.90 -1.83
CA SER B 257 -15.75 -11.71 -1.40
C SER B 257 -14.27 -12.03 -1.28
N GLU B 258 -13.55 -11.99 -2.40
CA GLU B 258 -12.15 -12.34 -2.36
C GLU B 258 -11.44 -11.86 -3.60
N GLY B 259 -10.19 -12.32 -3.79
CA GLY B 259 -9.41 -11.93 -4.95
C GLY B 259 -9.69 -12.86 -6.11
N TRP B 260 -9.59 -12.35 -7.34
CA TRP B 260 -9.84 -13.15 -8.53
C TRP B 260 -9.02 -12.76 -9.72
N ASN B 261 -8.34 -13.72 -10.35
CA ASN B 261 -7.55 -13.48 -11.56
C ASN B 261 -8.35 -13.81 -12.84
N PHE B 262 -8.20 -12.96 -13.87
CA PHE B 262 -8.86 -13.10 -15.21
C PHE B 262 -7.81 -13.02 -16.29
N GLY B 263 -7.78 -13.99 -17.16
CA GLY B 263 -6.75 -13.96 -18.16
C GLY B 263 -7.02 -15.03 -19.17
N PRO B 264 -6.22 -14.93 -20.19
CA PRO B 264 -6.25 -15.84 -21.33
C PRO B 264 -5.62 -17.22 -21.05
N ARG B 265 -5.82 -18.11 -22.02
CA ARG B 265 -5.26 -19.44 -21.98
C ARG B 265 -3.80 -19.36 -22.38
N ASP B 266 -2.96 -20.11 -21.69
CA ASP B 266 -1.54 -20.09 -21.98
C ASP B 266 -1.35 -20.41 -23.43
N GLU B 267 -2.13 -21.38 -23.87
CA GLU B 267 -2.09 -21.87 -25.22
C GLU B 267 -2.12 -20.76 -26.26
N ASP B 268 -2.81 -19.69 -25.86
CA ASP B 268 -3.05 -18.47 -26.63
C ASP B 268 -1.96 -17.40 -26.54
N ALA B 269 -0.76 -17.74 -26.09
CA ALA B 269 0.31 -16.76 -25.98
C ALA B 269 1.13 -16.71 -27.28
N LYS B 270 1.17 -15.51 -27.86
CA LYS B 270 1.87 -15.22 -29.09
C LYS B 270 2.94 -14.15 -28.88
N THR B 271 3.91 -14.10 -29.82
CA THR B 271 4.97 -13.10 -29.71
C THR B 271 4.53 -11.81 -30.33
N VAL B 272 5.32 -10.81 -30.03
CA VAL B 272 5.07 -9.52 -30.60
C VAL B 272 5.25 -9.65 -32.10
N GLU B 273 6.31 -10.32 -32.49
CA GLU B 273 6.51 -10.49 -33.91
C GLU B 273 5.32 -11.15 -34.56
N PHE B 274 4.86 -12.23 -33.95
CA PHE B 274 3.73 -12.98 -34.46
C PHE B 274 2.55 -12.05 -34.61
N ILE B 275 2.38 -11.33 -33.55
CA ILE B 275 1.28 -10.43 -33.49
C ILE B 275 1.31 -9.36 -34.60
N VAL B 276 2.45 -8.73 -34.76
CA VAL B 276 2.56 -7.70 -35.77
C VAL B 276 2.34 -8.25 -37.16
N ASP B 277 2.80 -9.49 -37.34
CA ASP B 277 2.64 -10.15 -38.62
C ASP B 277 1.16 -10.29 -38.91
N LYS B 278 0.49 -10.97 -37.99
CA LYS B 278 -0.93 -11.16 -38.16
C LYS B 278 -1.58 -9.81 -38.46
N MET B 279 -1.17 -8.84 -37.66
CA MET B 279 -1.69 -7.48 -37.77
C MET B 279 -1.62 -6.98 -39.20
N VAL B 280 -0.44 -7.18 -39.76
CA VAL B 280 -0.12 -6.73 -41.08
C VAL B 280 -1.07 -7.31 -42.09
N THR B 281 -1.12 -8.61 -42.03
CA THR B 281 -1.94 -9.40 -42.87
C THR B 281 -3.35 -8.95 -42.74
N LEU B 282 -3.68 -8.72 -41.48
CA LEU B 282 -4.99 -8.31 -41.10
C LEU B 282 -5.31 -6.92 -41.64
N TRP B 283 -4.30 -6.07 -41.61
CA TRP B 283 -4.55 -4.73 -42.09
C TRP B 283 -4.81 -4.66 -43.58
N GLY B 284 -3.84 -5.21 -44.29
CA GLY B 284 -3.79 -5.20 -45.73
C GLY B 284 -3.08 -3.90 -46.03
N ASP B 285 -3.60 -3.15 -47.03
CA ASP B 285 -3.10 -1.84 -47.46
C ASP B 285 -1.60 -1.91 -47.77
N ALA B 287 0.58 -1.95 -45.12
CA ALA B 287 0.89 -2.39 -43.76
C ALA B 287 2.26 -3.11 -43.75
N SER B 288 3.14 -2.73 -42.80
CA SER B 288 4.47 -3.35 -42.72
C SER B 288 5.31 -2.93 -41.53
N TRP B 289 6.37 -3.64 -41.25
CA TRP B 289 7.10 -3.15 -40.12
C TRP B 289 8.56 -3.45 -40.18
N LEU B 290 9.29 -2.84 -39.26
CA LEU B 290 10.72 -3.09 -39.19
C LEU B 290 11.28 -3.25 -37.79
N LEU B 291 12.35 -4.05 -37.74
CA LEU B 291 13.09 -4.32 -36.53
C LEU B 291 14.17 -3.28 -36.27
N ASP B 292 14.11 -2.63 -35.11
CA ASP B 292 15.10 -1.62 -34.77
C ASP B 292 16.49 -2.21 -34.44
N GLY B 293 17.37 -1.36 -33.91
CA GLY B 293 18.74 -1.74 -33.59
C GLY B 293 19.00 -2.09 -32.13
N GLU B 294 17.95 -2.19 -31.31
CA GLU B 294 18.21 -2.54 -29.92
C GLU B 294 18.38 -4.01 -29.69
N ASN B 295 18.38 -4.31 -28.42
CA ASN B 295 18.51 -5.69 -28.08
C ASN B 295 17.17 -6.42 -28.12
N HIS B 296 17.20 -7.53 -28.87
CA HIS B 296 16.05 -8.41 -29.06
C HIS B 296 16.29 -9.79 -28.45
N PRO B 297 16.00 -9.79 -27.15
CA PRO B 297 16.12 -10.93 -26.27
C PRO B 297 15.02 -11.97 -26.45
N HIS B 298 15.41 -13.20 -26.15
CA HIS B 298 14.54 -14.34 -26.26
C HIS B 298 13.34 -14.20 -25.34
N HIS B 301 10.49 -16.81 -19.56
CA HIS B 301 9.47 -16.35 -18.61
C HIS B 301 8.78 -15.01 -18.90
N TYR B 302 7.52 -14.90 -18.42
CA TYR B 302 6.70 -13.72 -18.55
C TYR B 302 5.62 -13.65 -17.46
N LEU B 303 5.16 -12.42 -17.12
CA LEU B 303 4.14 -12.27 -16.09
C LEU B 303 2.80 -12.77 -16.57
N LYS B 304 2.28 -13.72 -15.83
CA LYS B 304 1.00 -14.32 -16.16
C LYS B 304 0.27 -14.66 -14.90
N LEU B 305 -1.01 -14.91 -15.08
CA LEU B 305 -1.90 -15.23 -13.96
C LEU B 305 -2.49 -16.62 -14.12
N ASP B 306 -2.69 -17.30 -13.00
CA ASP B 306 -3.31 -18.62 -12.99
C ASP B 306 -4.80 -18.37 -12.76
N CYS B 307 -5.64 -18.84 -13.71
CA CYS B 307 -7.06 -18.60 -13.63
C CYS B 307 -7.90 -19.74 -13.16
N SER B 308 -7.26 -20.74 -12.55
CA SER B 308 -7.95 -21.91 -12.00
C SER B 308 -9.09 -21.56 -11.06
N LYS B 309 -8.91 -20.60 -10.19
CA LYS B 309 -9.96 -20.26 -9.26
C LYS B 309 -11.23 -19.75 -9.92
N ALA B 310 -11.08 -18.89 -10.95
CA ALA B 310 -12.22 -18.33 -11.70
C ALA B 310 -12.90 -19.41 -12.59
N ASN B 311 -12.09 -20.17 -13.28
CA ASN B 311 -12.61 -21.22 -14.12
C ASN B 311 -13.48 -22.11 -13.26
N MET B 312 -12.82 -22.58 -12.24
CA MET B 312 -13.37 -23.50 -11.30
C MET B 312 -14.50 -23.00 -10.42
N GLN B 313 -14.30 -21.87 -9.79
CA GLN B 313 -15.35 -21.39 -8.92
C GLN B 313 -16.36 -20.41 -9.49
N LEU B 314 -16.13 -19.93 -10.69
CA LEU B 314 -17.11 -19.03 -11.23
C LEU B 314 -17.57 -19.67 -12.53
N GLY B 315 -16.88 -20.73 -12.89
CA GLY B 315 -17.18 -21.33 -14.14
C GLY B 315 -16.80 -20.34 -15.25
N TRP B 316 -15.91 -19.39 -14.98
CA TRP B 316 -15.51 -18.39 -15.96
C TRP B 316 -14.47 -18.90 -16.93
N HIS B 317 -14.64 -18.60 -18.22
CA HIS B 317 -13.69 -18.95 -19.30
C HIS B 317 -13.67 -17.86 -20.35
N PRO B 318 -12.52 -17.62 -20.89
CA PRO B 318 -12.42 -16.62 -21.91
C PRO B 318 -13.13 -17.19 -23.13
N ARG B 319 -13.56 -16.28 -23.99
CA ARG B 319 -14.27 -16.65 -25.21
C ARG B 319 -13.49 -16.51 -26.52
N TRP B 320 -12.76 -15.40 -26.75
CA TRP B 320 -12.06 -15.29 -28.04
C TRP B 320 -10.59 -15.63 -27.99
N GLY B 321 -10.11 -16.23 -29.10
CA GLY B 321 -8.74 -16.59 -29.31
C GLY B 321 -8.00 -15.38 -29.87
N LEU B 322 -6.70 -15.35 -29.67
CA LEU B 322 -5.88 -14.27 -30.10
C LEU B 322 -6.24 -13.72 -31.47
N THR B 323 -6.15 -14.59 -32.47
CA THR B 323 -6.45 -14.19 -33.82
C THR B 323 -7.77 -13.42 -33.95
N GLU B 324 -8.84 -14.04 -33.49
CA GLU B 324 -10.15 -13.43 -33.54
C GLU B 324 -10.16 -12.01 -32.99
N THR B 325 -9.61 -11.89 -31.80
CA THR B 325 -9.53 -10.66 -31.05
C THR B 325 -8.85 -9.56 -31.84
N LEU B 326 -7.77 -10.00 -32.45
CA LEU B 326 -6.97 -9.13 -33.26
C LEU B 326 -7.77 -8.54 -34.39
N SER B 327 -8.38 -9.47 -35.13
CA SER B 327 -9.19 -9.11 -36.29
C SER B 327 -10.30 -8.15 -35.90
N ARG B 328 -10.98 -8.53 -34.82
CA ARG B 328 -12.05 -7.73 -34.29
C ARG B 328 -11.52 -6.32 -33.96
N ILE B 329 -10.26 -6.29 -33.47
CA ILE B 329 -9.59 -5.04 -33.14
C ILE B 329 -9.39 -4.23 -34.43
N VAL B 330 -8.83 -4.93 -35.41
CA VAL B 330 -8.60 -4.32 -36.67
C VAL B 330 -9.88 -3.87 -37.31
N LYS B 331 -10.87 -4.73 -37.32
CA LYS B 331 -12.12 -4.34 -37.91
C LYS B 331 -12.78 -3.14 -37.26
N TRP B 332 -12.71 -3.06 -35.95
CA TRP B 332 -13.32 -1.96 -35.24
C TRP B 332 -12.61 -0.63 -35.53
N HIS B 333 -11.31 -0.72 -35.75
CA HIS B 333 -10.51 0.47 -36.05
C HIS B 333 -10.93 1.12 -37.39
N LYS B 334 -10.97 0.27 -38.42
CA LYS B 334 -11.38 0.64 -39.79
C LYS B 334 -12.74 1.27 -39.72
N ALA B 335 -13.69 0.54 -39.15
CA ALA B 335 -15.00 1.12 -39.02
C ALA B 335 -14.91 2.57 -38.55
N TRP B 336 -14.18 2.79 -37.48
CA TRP B 336 -14.02 4.12 -36.91
C TRP B 336 -13.51 5.11 -37.93
N ILE B 337 -12.37 4.74 -38.45
CA ILE B 337 -11.68 5.53 -39.43
C ILE B 337 -12.57 5.97 -40.59
N ARG B 338 -13.33 5.02 -41.11
CA ARG B 338 -14.20 5.25 -42.25
C ARG B 338 -15.43 6.04 -41.92
N GLY B 339 -15.58 6.40 -40.65
CA GLY B 339 -16.71 7.18 -40.22
C GLY B 339 -17.95 6.37 -39.87
N GLU B 340 -17.82 5.05 -39.62
CA GLU B 340 -18.98 4.25 -39.26
C GLU B 340 -19.45 4.63 -37.87
N ASP B 341 -20.73 4.36 -37.53
CA ASP B 341 -21.23 4.71 -36.21
C ASP B 341 -20.64 3.72 -35.22
N MET B 342 -19.72 4.23 -34.39
CA MET B 342 -19.05 3.40 -33.45
C MET B 342 -19.92 2.93 -32.29
N LEU B 343 -20.95 3.67 -32.00
CA LEU B 343 -21.74 3.18 -30.91
C LEU B 343 -22.35 1.84 -31.35
N ILE B 344 -22.85 1.86 -32.55
CA ILE B 344 -23.46 0.67 -33.03
C ILE B 344 -22.54 -0.50 -33.13
N CYS B 345 -21.39 -0.28 -33.74
CA CYS B 345 -20.42 -1.36 -33.87
C CYS B 345 -19.92 -1.83 -32.52
N SER B 346 -19.82 -0.88 -31.63
CA SER B 346 -19.34 -1.24 -30.32
C SER B 346 -20.33 -2.18 -29.66
N LYS B 347 -21.60 -1.86 -29.91
CA LYS B 347 -22.77 -2.57 -29.43
C LYS B 347 -22.80 -3.99 -29.93
N ARG B 348 -22.54 -4.12 -31.21
CA ARG B 348 -22.52 -5.45 -31.78
C ARG B 348 -21.38 -6.26 -31.23
N GLU B 349 -20.34 -5.57 -30.83
CA GLU B 349 -19.18 -6.24 -30.31
C GLU B 349 -19.53 -7.00 -29.04
N ILE B 350 -20.32 -6.33 -28.23
CA ILE B 350 -20.78 -6.87 -26.97
C ILE B 350 -21.71 -8.02 -27.26
N SER B 351 -22.64 -7.71 -28.14
CA SER B 351 -23.61 -8.68 -28.53
C SER B 351 -22.92 -9.96 -28.96
N ASP B 352 -21.89 -9.81 -29.76
CA ASP B 352 -21.20 -10.98 -30.26
C ASP B 352 -20.51 -11.76 -29.18
N TYR B 353 -19.90 -11.03 -28.25
CA TYR B 353 -19.21 -11.67 -27.15
C TYR B 353 -20.25 -12.41 -26.35
N MET B 354 -21.40 -11.81 -26.20
CA MET B 354 -22.44 -12.47 -25.48
C MET B 354 -22.98 -13.76 -26.06
N SER B 355 -22.36 -14.22 -27.14
CA SER B 355 -22.74 -15.47 -27.79
C SER B 355 -21.54 -16.43 -28.00
N1 APR C . 2.38 14.67 10.20
C2 APR C . 3.50 14.73 10.96
N3 APR C . 3.77 14.08 12.05
C4 APR C . 2.78 13.22 12.39
C5 APR C . 1.61 13.02 11.74
C6 APR C . 1.38 13.82 10.58
N6 APR C . 0.32 13.76 9.76
N7 APR C . 0.85 12.06 12.38
C8 APR C . 1.59 11.70 13.43
N9 APR C . 2.77 12.38 13.48
C1' APR C . 3.83 12.30 14.46
C2' APR C . 3.35 12.73 15.82
O2' APR C . 3.24 14.15 15.88
C3' APR C . 4.50 12.18 16.66
O3' APR C . 5.72 12.93 16.66
O4' APR C . 4.17 10.97 14.64
C4' APR C . 4.69 10.80 15.96
C5' APR C . 3.90 9.68 16.55
O5' APR C . 4.47 9.39 17.86
PA APR C . 3.66 8.49 18.95
O1A APR C . 2.14 8.60 18.80
O2A APR C . 4.35 8.69 20.32
O3A APR C . 4.01 7.04 18.46
PB APR C . 5.42 6.24 18.65
O1B APR C . 5.14 5.15 19.65
O2B APR C . 6.59 7.19 18.87
O5D APR C . 5.62 5.72 17.16
C5D APR C . 6.75 6.19 16.42
O4D APR C . 7.26 4.00 15.38
O1D APR C . 6.05 2.10 16.01
C1D APR C . 6.24 3.11 14.99
O2D APR C . 4.07 3.51 13.92
C2D APR C . 5.00 3.97 14.92
O3D APR C . 5.73 5.15 12.98
C3D APR C . 5.54 5.28 14.38
C4D APR C . 6.84 5.38 15.15
O1B CXY D . 0.37 -4.21 19.80
PB CXY D . -0.24 -2.83 19.79
O2B CXY D . -1.68 -2.79 19.35
O1' CXY D . 0.66 -1.83 18.83
O3A CXY D . 0.03 -2.49 21.27
PA CXY D . -0.98 -2.31 22.56
O1A CXY D . -0.10 -1.91 23.69
O2A CXY D . -2.07 -1.35 22.26
O5D CXY D . -1.60 -3.78 22.69
C5D CXY D . -0.76 -4.81 23.25
C4D CXY D . -1.64 -5.97 23.63
O4D CXY D . -2.16 -5.73 24.96
C3D CXY D . -2.83 -6.29 22.72
O3D CXY D . -3.16 -7.72 22.58
C2D CXY D . -3.91 -5.51 23.48
O2D CXY D . -5.19 -6.04 23.14
C1D CXY D . -3.55 -5.87 24.91
N1 CXY D . -4.12 -4.97 25.91
C6 CXY D . -3.81 -3.62 25.91
C5 CXY D . -4.28 -2.78 26.79
C4 CXY D . -5.17 -3.20 27.81
N3 CXY D . -5.44 -4.58 27.78
C2 CXY D . -4.97 -5.49 26.86
N4 CXY D . -5.70 -2.48 28.66
O2 CXY D . -5.27 -6.69 26.88
C1' CXY D . 1.76 -1.25 19.50
C2' CXY D . 1.86 0.16 18.98
C3' CXY D . 2.11 0.06 17.49
C4' CXY D . 3.40 -0.72 17.21
C5' CXY D . 3.32 -2.09 17.88
O2' CXY D . 0.64 0.90 19.19
O3' CXY D . 2.29 1.38 16.95
O4' CXY D . 3.61 -0.83 15.81
O5' CXY D . 3.02 -1.97 19.27
N1 APR E . -9.90 10.80 -9.97
C2 APR E . -10.89 10.18 -10.67
N3 APR E . -10.79 9.43 -11.72
C4 APR E . -9.51 9.33 -12.10
C5 APR E . -8.41 9.92 -11.51
C6 APR E . -8.61 10.72 -10.38
N6 APR E . -7.58 11.30 -9.73
N7 APR E . -7.23 9.58 -12.16
C8 APR E . -7.66 8.79 -13.17
N9 APR E . -9.02 8.64 -13.22
C1' APR E . -9.85 7.96 -14.22
C2' APR E . -9.75 8.53 -15.64
O2' APR E . -10.48 9.78 -15.80
C3' APR E . -10.40 7.35 -16.40
O3' APR E . -11.81 7.13 -16.16
O4' APR E . -9.43 6.65 -14.37
C4' APR E . -9.61 6.22 -15.74
C5' APR E . -8.28 5.90 -16.40
O5' APR E . -8.59 5.26 -17.65
PA APR E . -7.50 4.77 -18.70
O1A APR E . -6.32 5.70 -18.69
O2A APR E . -8.27 4.48 -20.00
O3A APR E . -7.04 3.40 -18.13
PB APR E . -7.80 1.98 -18.02
O1B APR E . -7.16 1.06 -19.05
O2B APR E . -9.29 2.23 -18.01
O5D APR E . -7.31 1.56 -16.57
C5D APR E . -8.18 1.54 -15.41
O4D APR E . -7.77 -0.11 -13.72
O1D APR E . -8.05 -1.77 -15.26
C1D APR E . -7.12 -1.16 -14.36
O2D APR E . -4.83 -1.30 -15.35
C2D APR E . -6.07 -0.56 -15.25
O3D APR E . -4.87 0.93 -13.65
C3D APR E . -5.86 0.85 -14.68
C4D APR E . -7.29 1.15 -14.26
#